data_6KSY
#
_entry.id   6KSY
#
_cell.length_a   160.107
_cell.length_b   100.324
_cell.length_c   79.600
_cell.angle_alpha   90.000
_cell.angle_beta   113.310
_cell.angle_gamma   90.000
#
_symmetry.space_group_name_H-M   'C 1 2 1'
#
loop_
_entity.id
_entity.type
_entity.pdbx_description
1 polymer Arginase/agmatinase/formiminoglutamase
2 non-polymer 'ZINC ION'
3 water water
#
_entity_poly.entity_id   1
_entity_poly.type   'polypeptide(L)'
_entity_poly.pdbx_seq_one_letter_code
;MSSINKPLRLIFPQWQGGDNPPYYLGSQLLAWLSPDPKGAVEEVPVPKPTGEPLQEENGIVGRSILIDQLSEARQLIEKH
TPDSLVVLGGDCLVSLAPFSWLLEKYKDKLGILWIDSHPDVQTPKEYKNAHAHVLGELMGNGDSDFTRTVKHPVSPQKIM
IAGIHDPLPYEANFISEHKIQTCSPEQVRSGAQPVLDWIKNEKIEYLAIHIDLDVLDPHNFRSVLFAKPGRGQHDFGDVA
EGKLNIPDVVKLANQAASISKAVGLTIAEHLPWDALNLKNMLEELPLIGK
;
_entity_poly.pdbx_strand_id   A,B,C,D
#
loop_
_chem_comp.id
_chem_comp.type
_chem_comp.name
_chem_comp.formula
ZN non-polymer 'ZINC ION' 'Zn 2'
#
# COMPACT_ATOMS: atom_id res chain seq x y z
N ASN A 5 -7.74 -37.10 15.09
CA ASN A 5 -7.21 -35.81 14.66
C ASN A 5 -5.84 -35.57 15.28
N LYS A 6 -4.89 -35.09 14.47
CA LYS A 6 -3.51 -34.91 14.92
C LYS A 6 -2.99 -33.54 14.48
N PRO A 7 -3.14 -32.51 15.30
CA PRO A 7 -2.56 -31.21 14.96
C PRO A 7 -1.09 -31.15 15.33
N LEU A 8 -0.35 -30.34 14.58
CA LEU A 8 1.03 -30.02 14.93
C LEU A 8 1.22 -28.52 14.89
N ARG A 9 1.79 -27.97 15.96
CA ARG A 9 2.23 -26.58 16.01
C ARG A 9 3.73 -26.53 15.72
N LEU A 10 4.12 -25.74 14.73
CA LEU A 10 5.52 -25.55 14.36
C LEU A 10 5.93 -24.15 14.79
N ILE A 11 6.81 -24.07 15.78
CA ILE A 11 7.47 -22.80 16.07
C ILE A 11 8.64 -22.66 15.10
N PHE A 12 8.60 -21.63 14.25
CA PHE A 12 9.50 -21.53 13.10
C PHE A 12 10.07 -20.12 13.06
N PRO A 13 11.13 -19.85 13.84
CA PRO A 13 11.60 -18.48 13.99
C PRO A 13 12.55 -18.04 12.88
N GLN A 14 12.21 -18.42 11.66
CA GLN A 14 13.00 -18.03 10.49
C GLN A 14 12.98 -16.51 10.27
N TRP A 15 14.17 -15.94 10.10
CA TRP A 15 14.30 -14.50 9.88
C TRP A 15 15.05 -14.18 8.61
N GLN A 16 15.65 -15.18 7.97
CA GLN A 16 16.50 -14.94 6.81
C GLN A 16 15.71 -14.71 5.53
N GLY A 17 14.48 -15.22 5.46
CA GLY A 17 13.68 -15.00 4.26
C GLY A 17 13.34 -13.55 4.04
N GLY A 18 13.14 -12.79 5.12
CA GLY A 18 12.99 -11.36 5.08
C GLY A 18 14.22 -10.57 5.47
N ASP A 19 15.34 -11.25 5.70
CA ASP A 19 16.61 -10.64 6.08
C ASP A 19 16.42 -9.57 7.16
N ASN A 20 15.82 -9.99 8.27
CA ASN A 20 15.46 -9.05 9.34
C ASN A 20 15.52 -9.78 10.67
N PRO A 21 16.60 -9.61 11.41
CA PRO A 21 16.81 -10.35 12.66
C PRO A 21 15.62 -10.35 13.62
N PRO A 22 14.86 -9.26 13.76
CA PRO A 22 13.76 -9.27 14.75
C PRO A 22 12.67 -10.29 14.49
N TYR A 23 12.61 -10.93 13.32
CA TYR A 23 11.62 -11.99 13.13
C TYR A 23 11.82 -13.11 14.15
N TYR A 24 13.08 -13.35 14.55
CA TYR A 24 13.36 -14.45 15.47
C TYR A 24 12.65 -14.24 16.80
N LEU A 25 12.87 -13.08 17.42
CA LEU A 25 12.13 -12.75 18.63
C LEU A 25 10.62 -12.74 18.37
N GLY A 26 10.22 -12.26 17.19
CA GLY A 26 8.80 -12.22 16.87
C GLY A 26 8.14 -13.58 16.91
N SER A 27 8.85 -14.61 16.44
CA SER A 27 8.31 -15.96 16.50
C SER A 27 8.27 -16.47 17.93
N GLN A 28 9.33 -16.26 18.70
CA GLN A 28 9.35 -16.74 20.08
C GLN A 28 8.28 -16.03 20.92
N LEU A 29 8.08 -14.73 20.68
CA LEU A 29 7.05 -14.01 21.42
C LEU A 29 5.66 -14.47 21.01
N LEU A 30 5.44 -14.70 19.72
CA LEU A 30 4.17 -15.27 19.26
C LEU A 30 3.88 -16.59 19.97
N ALA A 31 4.89 -17.46 20.08
CA ALA A 31 4.71 -18.75 20.75
C ALA A 31 4.33 -18.55 22.21
N TRP A 32 4.95 -17.56 22.88
CA TRP A 32 4.68 -17.31 24.28
C TRP A 32 3.27 -16.75 24.50
N LEU A 33 2.79 -15.94 23.56
CA LEU A 33 1.45 -15.33 23.63
C LEU A 33 0.34 -16.29 23.25
N SER A 34 0.64 -17.41 22.62
CA SER A 34 -0.37 -18.26 22.05
C SER A 34 -1.08 -19.08 23.13
N PRO A 35 -2.31 -19.53 22.84
CA PRO A 35 -2.95 -20.49 23.73
C PRO A 35 -2.16 -21.79 23.80
N ASP A 36 -2.43 -22.56 24.84
CA ASP A 36 -1.79 -23.86 24.99
C ASP A 36 -2.05 -24.70 23.74
N PRO A 37 -1.05 -25.46 23.27
CA PRO A 37 -1.23 -26.24 22.04
C PRO A 37 -2.19 -27.40 22.21
N LYS A 38 -2.91 -27.68 21.13
CA LYS A 38 -3.89 -28.78 21.12
C LYS A 38 -3.28 -30.11 20.83
N GLY A 39 -2.15 -30.12 20.16
CA GLY A 39 -1.54 -31.34 19.75
C GLY A 39 -0.05 -31.20 19.93
N ALA A 40 0.71 -31.73 18.99
CA ALA A 40 2.16 -31.75 19.10
C ALA A 40 2.73 -30.35 18.88
N VAL A 41 3.94 -30.14 19.42
CA VAL A 41 4.71 -28.93 19.17
C VAL A 41 6.14 -29.32 18.84
N GLU A 42 6.68 -28.71 17.78
CA GLU A 42 8.09 -28.79 17.44
C GLU A 42 8.58 -27.39 17.12
N GLU A 43 9.86 -27.14 17.40
CA GLU A 43 10.53 -25.92 16.96
C GLU A 43 11.54 -26.27 15.88
N VAL A 44 11.45 -25.60 14.74
CA VAL A 44 12.45 -25.76 13.67
C VAL A 44 13.75 -25.11 14.11
N PRO A 45 14.88 -25.83 14.05
CA PRO A 45 16.18 -25.20 14.38
C PRO A 45 16.51 -24.07 13.41
N VAL A 46 16.69 -22.88 13.98
CA VAL A 46 17.05 -21.68 13.24
C VAL A 46 18.22 -21.02 13.97
N PRO A 47 19.32 -20.72 13.29
CA PRO A 47 20.42 -19.99 13.94
C PRO A 47 19.97 -18.61 14.38
N LYS A 48 20.30 -18.25 15.62
CA LYS A 48 19.96 -16.93 16.11
C LYS A 48 20.75 -15.87 15.35
N PRO A 49 20.16 -14.70 15.11
CA PRO A 49 20.92 -13.62 14.47
C PRO A 49 22.11 -13.21 15.34
N THR A 50 23.26 -13.07 14.70
CA THR A 50 24.51 -12.70 15.37
C THR A 50 25.02 -11.33 14.98
N GLY A 51 24.39 -10.66 14.02
CA GLY A 51 24.90 -9.42 13.50
C GLY A 51 25.79 -9.57 12.29
N GLU A 52 26.29 -10.76 12.03
CA GLU A 52 27.00 -11.02 10.79
C GLU A 52 25.99 -11.01 9.64
N PRO A 53 26.19 -10.19 8.61
CA PRO A 53 25.18 -10.08 7.54
C PRO A 53 25.06 -11.35 6.73
N LEU A 54 23.84 -11.69 6.35
CA LEU A 54 23.63 -12.71 5.34
C LEU A 54 24.08 -12.19 3.98
N GLN A 55 24.49 -13.11 3.11
CA GLN A 55 24.86 -12.71 1.77
C GLN A 55 23.91 -13.29 0.74
N GLU A 56 23.84 -12.61 -0.39
CA GLU A 56 23.09 -13.09 -1.55
C GLU A 56 23.78 -14.31 -2.15
N GLU A 57 22.99 -15.36 -2.39
CA GLU A 57 23.53 -16.63 -2.88
C GLU A 57 22.71 -17.01 -4.11
N ASN A 58 23.29 -16.77 -5.29
CA ASN A 58 22.59 -16.98 -6.56
C ASN A 58 21.24 -16.28 -6.57
N GLY A 59 21.24 -15.02 -6.15
CA GLY A 59 20.05 -14.22 -6.21
C GLY A 59 19.12 -14.32 -5.03
N ILE A 60 19.42 -15.15 -4.03
CA ILE A 60 18.59 -15.27 -2.82
C ILE A 60 19.46 -15.05 -1.60
N VAL A 61 19.09 -14.07 -0.77
CA VAL A 61 19.79 -13.83 0.48
C VAL A 61 19.61 -15.05 1.39
N GLY A 62 20.71 -15.60 1.86
CA GLY A 62 20.65 -16.73 2.78
C GLY A 62 20.11 -18.02 2.17
N ARG A 63 20.33 -18.24 0.87
CA ARG A 63 19.77 -19.41 0.19
C ARG A 63 20.06 -20.71 0.94
N SER A 64 21.33 -20.95 1.31
CA SER A 64 21.71 -22.25 1.86
C SER A 64 20.99 -22.55 3.16
N ILE A 65 20.99 -21.59 4.08
CA ILE A 65 20.35 -21.82 5.37
C ILE A 65 18.84 -21.94 5.22
N LEU A 66 18.24 -21.21 4.27
CA LEU A 66 16.81 -21.34 4.04
C LEU A 66 16.47 -22.75 3.55
N ILE A 67 17.29 -23.30 2.66
CA ILE A 67 17.04 -24.67 2.20
C ILE A 67 17.18 -25.66 3.34
N ASP A 68 18.18 -25.45 4.21
CA ASP A 68 18.35 -26.32 5.36
C ASP A 68 17.12 -26.29 6.27
N GLN A 69 16.62 -25.09 6.55
CA GLN A 69 15.47 -24.96 7.44
C GLN A 69 14.19 -25.51 6.81
N LEU A 70 14.05 -25.32 5.50
CA LEU A 70 12.95 -25.94 4.77
C LEU A 70 13.01 -27.46 4.90
N SER A 71 14.20 -28.05 4.76
CA SER A 71 14.34 -29.49 4.91
C SER A 71 13.99 -29.94 6.32
N GLU A 72 14.45 -29.19 7.32
CA GLU A 72 14.20 -29.60 8.70
C GLU A 72 12.73 -29.43 9.08
N ALA A 73 12.07 -28.39 8.55
CA ALA A 73 10.63 -28.25 8.77
C ALA A 73 9.89 -29.47 8.22
N ARG A 74 10.23 -29.91 7.01
CA ARG A 74 9.57 -31.08 6.43
C ARG A 74 9.81 -32.33 7.29
N GLN A 75 11.03 -32.51 7.79
CA GLN A 75 11.33 -33.67 8.62
C GLN A 75 10.48 -33.69 9.89
N LEU A 76 10.34 -32.52 10.52
CA LEU A 76 9.54 -32.42 11.74
C LEU A 76 8.07 -32.66 11.47
N ILE A 77 7.57 -32.22 10.31
CA ILE A 77 6.19 -32.52 9.93
C ILE A 77 6.00 -34.01 9.73
N GLU A 78 6.87 -34.62 8.91
CA GLU A 78 6.76 -36.06 8.64
C GLU A 78 6.82 -36.87 9.92
N LYS A 79 7.56 -36.39 10.92
CA LYS A 79 7.67 -37.12 12.17
C LYS A 79 6.33 -37.28 12.87
N HIS A 80 5.40 -36.35 12.63
CA HIS A 80 4.11 -36.35 13.32
C HIS A 80 2.93 -36.70 12.42
N THR A 81 3.15 -36.86 11.12
CA THR A 81 2.15 -37.00 10.06
C THR A 81 0.82 -36.34 10.44
N PRO A 82 0.83 -35.02 10.62
CA PRO A 82 -0.36 -34.34 11.15
C PRO A 82 -1.42 -34.13 10.09
N ASP A 83 -2.66 -33.99 10.56
CA ASP A 83 -3.73 -33.61 9.64
C ASP A 83 -4.00 -32.12 9.65
N SER A 84 -3.38 -31.37 10.57
CA SER A 84 -3.53 -29.92 10.58
C SER A 84 -2.25 -29.32 11.12
N LEU A 85 -1.96 -28.08 10.70
CA LEU A 85 -0.71 -27.42 11.06
C LEU A 85 -0.97 -25.98 11.45
N VAL A 86 -0.39 -25.58 12.58
CA VAL A 86 -0.33 -24.19 13.00
C VAL A 86 1.14 -23.80 12.98
N VAL A 87 1.47 -22.74 12.26
CA VAL A 87 2.85 -22.36 12.04
C VAL A 87 3.06 -20.97 12.63
N LEU A 88 3.93 -20.89 13.63
CA LEU A 88 4.19 -19.60 14.29
C LEU A 88 5.53 -19.10 13.76
N GLY A 89 5.49 -18.30 12.70
CA GLY A 89 6.68 -17.72 12.12
C GLY A 89 7.10 -16.48 12.87
N GLY A 90 8.15 -15.82 12.38
CA GLY A 90 8.85 -16.18 11.16
C GLY A 90 8.36 -15.44 9.92
N ASP A 91 9.26 -15.24 8.94
CA ASP A 91 8.85 -14.57 7.71
C ASP A 91 7.94 -15.48 6.88
N CYS A 92 7.33 -14.91 5.84
CA CYS A 92 6.27 -15.64 5.15
C CYS A 92 6.74 -16.96 4.56
N LEU A 93 8.04 -17.12 4.30
CA LEU A 93 8.50 -18.34 3.68
C LEU A 93 8.32 -19.56 4.57
N VAL A 94 8.03 -19.38 5.86
CA VAL A 94 7.81 -20.52 6.73
C VAL A 94 6.64 -21.38 6.28
N SER A 95 5.71 -20.83 5.49
CA SER A 95 4.54 -21.60 5.08
C SER A 95 4.83 -22.63 3.98
N LEU A 96 6.04 -22.64 3.41
CA LEU A 96 6.29 -23.46 2.22
C LEU A 96 6.15 -24.96 2.53
N ALA A 97 6.91 -25.45 3.52
CA ALA A 97 6.80 -26.88 3.79
C ALA A 97 5.45 -27.26 4.42
N PRO A 98 4.94 -26.49 5.38
CA PRO A 98 3.61 -26.81 5.93
C PRO A 98 2.52 -26.86 4.85
N PHE A 99 2.45 -25.85 3.98
CA PHE A 99 1.36 -25.84 3.01
C PHE A 99 1.58 -26.89 1.92
N SER A 100 2.85 -27.22 1.62
CA SER A 100 3.14 -28.32 0.70
C SER A 100 2.65 -29.65 1.26
N TRP A 101 2.88 -29.89 2.55
CA TRP A 101 2.32 -31.06 3.22
C TRP A 101 0.81 -31.09 3.10
N LEU A 102 0.14 -29.96 3.38
CA LEU A 102 -1.32 -29.93 3.31
C LEU A 102 -1.81 -30.18 1.89
N LEU A 103 -1.05 -29.72 0.89
CA LEU A 103 -1.38 -30.01 -0.50
C LEU A 103 -1.23 -31.51 -0.82
N GLU A 104 -0.20 -32.18 -0.30
CA GLU A 104 -0.08 -33.62 -0.49
C GLU A 104 -1.24 -34.36 0.18
N LYS A 105 -1.71 -33.87 1.32
CA LYS A 105 -2.73 -34.58 2.06
C LYS A 105 -4.11 -34.35 1.49
N TYR A 106 -4.43 -33.11 1.14
CA TYR A 106 -5.79 -32.72 0.79
C TYR A 106 -5.96 -32.41 -0.69
N LYS A 107 -4.85 -32.34 -1.44
CA LYS A 107 -4.82 -32.28 -2.91
C LYS A 107 -5.68 -31.13 -3.42
N ASP A 108 -6.52 -31.34 -4.44
CA ASP A 108 -7.29 -30.30 -5.08
C ASP A 108 -8.45 -29.80 -4.23
N LYS A 109 -8.72 -30.45 -3.10
CA LYS A 109 -9.77 -30.00 -2.19
C LYS A 109 -9.28 -28.90 -1.25
N LEU A 110 -7.98 -28.60 -1.25
CA LEU A 110 -7.42 -27.55 -0.43
C LEU A 110 -7.52 -26.21 -1.14
N GLY A 111 -7.90 -25.18 -0.40
CA GLY A 111 -7.74 -23.81 -0.84
C GLY A 111 -6.77 -23.10 0.08
N ILE A 112 -6.04 -22.14 -0.47
CA ILE A 112 -5.08 -21.33 0.28
C ILE A 112 -5.63 -19.91 0.36
N LEU A 113 -5.99 -19.48 1.57
CA LEU A 113 -6.47 -18.12 1.82
C LEU A 113 -5.26 -17.34 2.32
N TRP A 114 -4.70 -16.51 1.45
CA TRP A 114 -3.45 -15.80 1.70
C TRP A 114 -3.79 -14.38 2.14
N ILE A 115 -3.69 -14.11 3.44
CA ILE A 115 -4.10 -12.84 4.01
C ILE A 115 -2.84 -12.00 4.21
N ASP A 116 -2.70 -10.97 3.37
CA ASP A 116 -1.42 -10.30 3.19
C ASP A 116 -1.70 -8.97 2.50
N SER A 117 -0.89 -7.96 2.81
CA SER A 117 -0.90 -6.78 1.96
C SER A 117 -0.33 -7.07 0.58
N HIS A 118 0.47 -8.13 0.44
CA HIS A 118 1.27 -8.45 -0.75
C HIS A 118 1.03 -9.88 -1.19
N PRO A 119 1.22 -10.18 -2.47
CA PRO A 119 0.87 -11.51 -2.97
C PRO A 119 1.98 -12.56 -2.86
N ASP A 120 3.22 -12.14 -2.61
CA ASP A 120 4.35 -13.04 -2.43
C ASP A 120 4.49 -14.00 -3.61
N VAL A 121 4.46 -13.45 -4.83
CA VAL A 121 4.62 -14.21 -6.05
C VAL A 121 5.85 -13.78 -6.84
N GLN A 122 6.69 -12.92 -6.27
CA GLN A 122 7.93 -12.57 -6.95
C GLN A 122 8.90 -13.75 -6.95
N THR A 123 9.93 -13.64 -7.80
CA THR A 123 10.99 -14.63 -7.91
C THR A 123 12.32 -13.93 -7.68
N PRO A 124 13.45 -14.66 -7.61
CA PRO A 124 14.73 -13.97 -7.43
C PRO A 124 15.06 -12.98 -8.54
N LYS A 125 14.42 -13.10 -9.71
CA LYS A 125 14.63 -12.09 -10.74
C LYS A 125 14.07 -10.74 -10.31
N GLU A 126 13.02 -10.73 -9.50
CA GLU A 126 12.40 -9.50 -9.04
C GLU A 126 12.85 -9.08 -7.65
N TYR A 127 13.20 -10.01 -6.78
CA TYR A 127 13.43 -9.62 -5.39
C TYR A 127 14.31 -10.65 -4.71
N LYS A 128 15.33 -10.19 -3.99
CA LYS A 128 16.32 -11.09 -3.42
C LYS A 128 15.93 -11.66 -2.06
N ASN A 129 14.88 -11.16 -1.42
CA ASN A 129 14.45 -11.67 -0.12
C ASN A 129 13.30 -12.65 -0.35
N ALA A 130 13.52 -13.90 0.05
CA ALA A 130 12.69 -15.03 -0.37
C ALA A 130 11.32 -15.05 0.30
N HIS A 131 11.09 -14.23 1.33
CA HIS A 131 9.74 -14.22 1.88
C HIS A 131 8.74 -13.66 0.89
N ALA A 132 9.18 -13.03 -0.20
CA ALA A 132 8.29 -12.56 -1.24
C ALA A 132 8.05 -13.61 -2.33
N HIS A 133 8.58 -14.83 -2.16
CA HIS A 133 8.52 -15.85 -3.20
C HIS A 133 7.53 -16.97 -2.92
N VAL A 134 7.02 -17.08 -1.69
CA VAL A 134 6.56 -18.39 -1.18
C VAL A 134 5.25 -18.80 -1.84
N LEU A 135 4.33 -17.87 -2.09
CA LEU A 135 3.06 -18.28 -2.68
C LEU A 135 3.24 -18.71 -4.14
N GLY A 136 4.09 -18.01 -4.87
CA GLY A 136 4.46 -18.48 -6.20
C GLY A 136 5.09 -19.87 -6.17
N GLU A 137 5.91 -20.15 -5.16
CA GLU A 137 6.54 -21.46 -5.10
C GLU A 137 5.54 -22.57 -4.79
N LEU A 138 4.50 -22.27 -4.00
CA LEU A 138 3.44 -23.25 -3.77
C LEU A 138 2.67 -23.58 -5.05
N MET A 139 2.65 -22.68 -6.03
CA MET A 139 2.12 -22.97 -7.35
C MET A 139 3.13 -23.70 -8.22
N GLY A 140 4.34 -23.92 -7.72
CA GLY A 140 5.36 -24.58 -8.50
C GLY A 140 6.21 -23.66 -9.33
N ASN A 141 6.02 -22.34 -9.20
CA ASN A 141 6.69 -21.32 -9.99
C ASN A 141 7.88 -20.76 -9.24
N GLY A 142 8.93 -20.41 -9.98
CA GLY A 142 10.05 -19.73 -9.38
C GLY A 142 11.27 -20.61 -9.17
N ASP A 143 12.03 -20.30 -8.13
CA ASP A 143 13.33 -20.91 -7.93
C ASP A 143 13.21 -22.41 -7.61
N SER A 144 13.91 -23.22 -8.40
CA SER A 144 13.70 -24.67 -8.33
C SER A 144 14.27 -25.31 -7.08
N ASP A 145 15.22 -24.68 -6.39
CA ASP A 145 15.65 -25.25 -5.12
C ASP A 145 14.49 -25.34 -4.16
N PHE A 146 13.52 -24.44 -4.31
CA PHE A 146 12.32 -24.42 -3.48
C PHE A 146 11.16 -25.16 -4.14
N THR A 147 10.92 -24.98 -5.44
CA THR A 147 9.77 -25.66 -6.03
C THR A 147 9.97 -27.16 -6.15
N ARG A 148 11.22 -27.67 -6.15
CA ARG A 148 11.40 -29.12 -6.23
C ARG A 148 10.80 -29.83 -5.03
N THR A 149 10.57 -29.12 -3.92
CA THR A 149 9.98 -29.75 -2.76
C THR A 149 8.45 -29.79 -2.81
N VAL A 150 7.85 -29.19 -3.83
CA VAL A 150 6.39 -29.07 -3.91
C VAL A 150 5.90 -30.16 -4.86
N LYS A 151 5.36 -31.24 -4.30
CA LYS A 151 4.98 -32.39 -5.12
C LYS A 151 3.60 -32.25 -5.74
N HIS A 152 2.71 -31.50 -5.10
CA HIS A 152 1.35 -31.27 -5.58
C HIS A 152 1.15 -29.75 -5.61
N PRO A 153 1.67 -29.06 -6.63
CA PRO A 153 1.53 -27.60 -6.66
C PRO A 153 0.07 -27.18 -6.72
N VAL A 154 -0.23 -26.06 -6.08
CA VAL A 154 -1.62 -25.62 -6.02
C VAL A 154 -2.02 -24.95 -7.32
N SER A 155 -3.23 -25.25 -7.78
CA SER A 155 -3.79 -24.55 -8.92
C SER A 155 -3.99 -23.07 -8.54
N PRO A 156 -3.71 -22.13 -9.45
CA PRO A 156 -3.99 -20.71 -9.14
C PRO A 156 -5.46 -20.43 -8.83
N GLN A 157 -6.38 -21.29 -9.29
CA GLN A 157 -7.78 -21.11 -8.98
C GLN A 157 -8.12 -21.49 -7.55
N LYS A 158 -7.23 -22.22 -6.87
CA LYS A 158 -7.46 -22.59 -5.47
C LYS A 158 -6.74 -21.65 -4.50
N ILE A 159 -6.44 -20.43 -4.93
CA ILE A 159 -5.84 -19.39 -4.11
C ILE A 159 -6.81 -18.21 -4.01
N MET A 160 -6.86 -17.59 -2.83
CA MET A 160 -7.54 -16.31 -2.63
C MET A 160 -6.61 -15.41 -1.84
N ILE A 161 -6.26 -14.27 -2.40
CA ILE A 161 -5.39 -13.30 -1.73
C ILE A 161 -6.27 -12.19 -1.16
N ALA A 162 -6.36 -12.13 0.17
CA ALA A 162 -7.26 -11.19 0.86
C ALA A 162 -6.45 -10.14 1.60
N GLY A 163 -6.87 -8.87 1.48
CA GLY A 163 -6.19 -7.76 2.10
C GLY A 163 -5.22 -7.04 1.19
N ILE A 164 -5.02 -7.59 0.00
CA ILE A 164 -4.10 -7.02 -0.99
C ILE A 164 -4.71 -5.78 -1.59
N HIS A 165 -3.85 -4.80 -1.89
CA HIS A 165 -4.23 -3.58 -2.58
C HIS A 165 -2.99 -2.97 -3.19
N ASP A 166 -3.20 -2.14 -4.20
CA ASP A 166 -2.14 -1.43 -4.91
C ASP A 166 -0.95 -2.33 -5.24
N PRO A 167 -1.17 -3.43 -5.97
CA PRO A 167 -0.05 -4.31 -6.30
C PRO A 167 0.95 -3.65 -7.24
N LEU A 168 2.16 -4.17 -7.20
CA LEU A 168 3.20 -3.73 -8.14
C LEU A 168 2.83 -4.19 -9.55
N PRO A 169 3.40 -3.54 -10.58
CA PRO A 169 3.09 -3.97 -11.95
C PRO A 169 3.39 -5.44 -12.22
N TYR A 170 4.54 -5.94 -11.76
CA TYR A 170 4.82 -7.37 -11.91
C TYR A 170 3.73 -8.22 -11.28
N GLU A 171 3.28 -7.82 -10.07
CA GLU A 171 2.34 -8.64 -9.33
C GLU A 171 0.96 -8.61 -9.95
N ALA A 172 0.50 -7.43 -10.39
CA ALA A 172 -0.80 -7.35 -11.02
C ALA A 172 -0.82 -8.15 -12.32
N ASN A 173 0.29 -8.15 -13.07
CA ASN A 173 0.35 -8.96 -14.29
C ASN A 173 0.31 -10.43 -13.94
N PHE A 174 1.10 -10.85 -12.96
CA PHE A 174 1.12 -12.25 -12.53
C PHE A 174 -0.27 -12.69 -12.09
N ILE A 175 -0.91 -11.90 -11.22
CA ILE A 175 -2.26 -12.22 -10.77
C ILE A 175 -3.21 -12.30 -11.95
N SER A 176 -3.11 -11.34 -12.87
CA SER A 176 -4.00 -11.34 -14.03
C SER A 176 -3.72 -12.52 -14.94
N GLU A 177 -2.45 -12.80 -15.21
CA GLU A 177 -2.08 -13.90 -16.09
C GLU A 177 -2.64 -15.23 -15.60
N HIS A 178 -2.58 -15.47 -14.29
CA HIS A 178 -2.94 -16.77 -13.72
C HIS A 178 -4.37 -16.83 -13.19
N LYS A 179 -5.14 -15.75 -13.32
CA LYS A 179 -6.55 -15.74 -12.91
C LYS A 179 -6.68 -15.96 -11.39
N ILE A 180 -5.74 -15.40 -10.63
CA ILE A 180 -5.77 -15.57 -9.17
C ILE A 180 -6.75 -14.58 -8.57
N GLN A 181 -7.68 -15.08 -7.76
CA GLN A 181 -8.68 -14.23 -7.14
C GLN A 181 -8.09 -13.43 -5.99
N THR A 182 -8.61 -12.20 -5.82
CA THR A 182 -8.22 -11.34 -4.72
C THR A 182 -9.47 -10.83 -4.00
N CYS A 183 -9.26 -10.29 -2.80
CA CYS A 183 -10.33 -9.67 -2.04
C CYS A 183 -9.73 -8.47 -1.33
N SER A 184 -10.12 -7.26 -1.77
CA SER A 184 -9.55 -6.03 -1.23
C SER A 184 -9.91 -5.84 0.24
N PRO A 185 -9.17 -4.98 0.95
CA PRO A 185 -9.61 -4.58 2.30
C PRO A 185 -11.05 -4.10 2.34
N GLU A 186 -11.48 -3.32 1.34
CA GLU A 186 -12.87 -2.88 1.28
C GLU A 186 -13.83 -4.05 1.31
N GLN A 187 -13.59 -5.06 0.49
CA GLN A 187 -14.53 -6.17 0.44
C GLN A 187 -14.39 -7.09 1.63
N VAL A 188 -13.23 -7.13 2.29
CA VAL A 188 -13.16 -7.85 3.55
C VAL A 188 -14.10 -7.18 4.56
N ARG A 189 -14.06 -5.85 4.61
CA ARG A 189 -14.92 -5.08 5.51
C ARG A 189 -16.39 -5.25 5.19
N SER A 190 -16.76 -5.35 3.91
CA SER A 190 -18.15 -5.41 3.53
C SER A 190 -18.69 -6.83 3.47
N GLY A 191 -18.00 -7.78 4.08
CA GLY A 191 -18.54 -9.12 4.27
C GLY A 191 -17.74 -10.23 3.62
N ALA A 192 -16.60 -9.94 2.97
CA ALA A 192 -15.76 -10.96 2.33
C ALA A 192 -16.55 -11.84 1.36
N GLN A 193 -17.54 -11.28 0.67
CA GLN A 193 -18.31 -12.05 -0.30
C GLN A 193 -17.45 -12.81 -1.31
N PRO A 194 -16.36 -12.25 -1.87
CA PRO A 194 -15.55 -13.04 -2.81
C PRO A 194 -14.98 -14.30 -2.18
N VAL A 195 -14.65 -14.26 -0.89
CA VAL A 195 -14.09 -15.44 -0.23
C VAL A 195 -15.16 -16.53 -0.10
N LEU A 196 -16.38 -16.15 0.33
CA LEU A 196 -17.46 -17.12 0.43
C LEU A 196 -17.80 -17.72 -0.93
N ASP A 197 -17.87 -16.87 -1.97
CA ASP A 197 -18.23 -17.38 -3.29
C ASP A 197 -17.14 -18.31 -3.82
N TRP A 198 -15.87 -17.99 -3.53
CA TRP A 198 -14.77 -18.82 -3.98
C TRP A 198 -14.80 -20.18 -3.30
N ILE A 199 -15.05 -20.22 -2.00
CA ILE A 199 -15.10 -21.51 -1.30
C ILE A 199 -16.23 -22.39 -1.87
N LYS A 200 -17.36 -21.78 -2.22
CA LYS A 200 -18.48 -22.53 -2.79
C LYS A 200 -18.17 -23.00 -4.21
N ASN A 201 -17.74 -22.07 -5.07
CA ASN A 201 -17.65 -22.35 -6.50
C ASN A 201 -16.42 -23.17 -6.86
N GLU A 202 -15.31 -22.99 -6.14
CA GLU A 202 -14.14 -23.83 -6.33
C GLU A 202 -14.14 -25.06 -5.45
N LYS A 203 -15.25 -25.33 -4.74
CA LYS A 203 -15.40 -26.52 -3.91
C LYS A 203 -14.21 -26.70 -2.96
N ILE A 204 -13.89 -25.63 -2.24
CA ILE A 204 -12.81 -25.64 -1.28
C ILE A 204 -13.31 -26.35 -0.04
N GLU A 205 -12.85 -27.58 0.20
CA GLU A 205 -13.29 -28.36 1.34
C GLU A 205 -12.39 -28.19 2.54
N TYR A 206 -11.11 -27.94 2.31
CA TYR A 206 -10.10 -27.80 3.35
C TYR A 206 -9.38 -26.48 3.13
N LEU A 207 -9.02 -25.79 4.21
CA LEU A 207 -8.52 -24.43 4.09
C LEU A 207 -7.18 -24.27 4.81
N ALA A 208 -6.19 -23.76 4.10
CA ALA A 208 -4.92 -23.34 4.68
C ALA A 208 -4.90 -21.82 4.70
N ILE A 209 -4.84 -21.25 5.89
CA ILE A 209 -4.92 -19.80 6.10
C ILE A 209 -3.52 -19.30 6.42
N HIS A 210 -3.03 -18.36 5.63
CA HIS A 210 -1.77 -17.68 5.91
C HIS A 210 -2.07 -16.25 6.31
N ILE A 211 -1.67 -15.84 7.51
CA ILE A 211 -1.85 -14.48 7.97
C ILE A 211 -0.49 -13.81 8.05
N ASP A 212 -0.19 -12.96 7.08
CA ASP A 212 0.95 -12.07 7.17
C ASP A 212 0.49 -10.85 7.96
N LEU A 213 1.07 -10.65 9.14
CA LEU A 213 0.57 -9.58 10.00
C LEU A 213 0.69 -8.20 9.36
N ASP A 214 1.50 -8.03 8.31
CA ASP A 214 1.57 -6.73 7.65
C ASP A 214 0.33 -6.41 6.80
N VAL A 215 -0.65 -7.30 6.78
CA VAL A 215 -1.99 -6.93 6.33
C VAL A 215 -2.65 -5.93 7.27
N LEU A 216 -2.13 -5.77 8.48
CA LEU A 216 -2.74 -4.91 9.49
C LEU A 216 -2.24 -3.47 9.36
N ASP A 217 -3.15 -2.53 9.54
CA ASP A 217 -2.81 -1.11 9.55
C ASP A 217 -1.76 -0.83 10.62
N PRO A 218 -0.58 -0.31 10.26
CA PRO A 218 0.46 -0.09 11.28
C PRO A 218 0.13 1.02 12.26
N HIS A 219 -0.87 1.85 11.97
CA HIS A 219 -1.29 2.85 12.94
C HIS A 219 -1.93 2.20 14.16
N ASN A 220 -2.50 1.00 13.99
CA ASN A 220 -3.25 0.36 15.07
C ASN A 220 -2.59 -0.90 15.60
N PHE A 221 -1.68 -1.51 14.86
CA PHE A 221 -0.89 -2.65 15.33
C PHE A 221 0.57 -2.35 14.98
N ARG A 222 1.39 -2.12 16.01
CA ARG A 222 2.70 -1.53 15.79
C ARG A 222 3.84 -2.55 15.80
N SER A 223 3.53 -3.83 15.57
CA SER A 223 4.56 -4.87 15.55
C SER A 223 4.65 -5.49 14.16
N VAL A 224 4.76 -4.64 13.15
CA VAL A 224 4.92 -5.04 11.76
C VAL A 224 5.98 -4.13 11.13
N LEU A 225 6.46 -4.53 9.96
CA LEU A 225 7.56 -3.79 9.31
C LEU A 225 7.26 -2.30 9.21
N PHE A 226 6.04 -1.97 8.78
CA PHE A 226 5.68 -0.59 8.46
C PHE A 226 5.38 0.26 9.69
N ALA A 227 5.53 -0.31 10.88
CA ALA A 227 5.45 0.48 12.11
C ALA A 227 6.83 0.66 12.75
N LYS A 228 7.89 0.40 12.00
CA LYS A 228 9.24 0.53 12.55
C LYS A 228 9.43 1.95 13.10
N PRO A 229 9.88 2.10 14.34
CA PRO A 229 10.04 3.45 14.89
C PRO A 229 11.03 4.26 14.06
N GLY A 230 10.72 5.52 13.87
CA GLY A 230 11.62 6.42 13.17
C GLY A 230 11.59 6.32 11.66
N ARG A 231 10.68 5.52 11.10
CA ARG A 231 10.63 5.35 9.66
C ARG A 231 10.20 6.64 8.98
N GLY A 232 10.64 6.80 7.72
CA GLY A 232 10.12 7.81 6.84
C GLY A 232 9.11 7.22 5.87
N GLN A 233 8.49 8.12 5.10
CA GLN A 233 7.34 7.75 4.27
C GLN A 233 7.73 6.75 3.17
N HIS A 234 8.92 6.89 2.59
CA HIS A 234 9.30 6.10 1.44
C HIS A 234 10.36 5.07 1.77
N ASP A 235 10.55 4.77 3.06
CA ASP A 235 11.60 3.85 3.47
C ASP A 235 11.43 2.45 2.90
N PHE A 236 10.22 2.10 2.46
CA PHE A 236 9.93 0.74 2.00
C PHE A 236 9.58 0.69 0.52
N GLY A 237 10.03 1.68 -0.24
CA GLY A 237 9.75 1.70 -1.66
C GLY A 237 8.32 2.01 -2.02
N ASP A 238 7.56 2.60 -1.09
CA ASP A 238 6.17 2.96 -1.30
C ASP A 238 5.31 1.76 -1.67
N VAL A 239 5.76 0.56 -1.31
CA VAL A 239 4.95 -0.63 -1.47
C VAL A 239 3.69 -0.51 -0.61
N ALA A 240 2.70 -1.36 -0.90
CA ALA A 240 1.45 -1.32 -0.16
C ALA A 240 1.69 -1.61 1.32
N GLU A 241 0.91 -0.94 2.16
CA GLU A 241 0.93 -1.15 3.62
C GLU A 241 -0.45 -1.59 4.09
N GLY A 242 -0.51 -2.09 5.32
CA GLY A 242 -1.72 -2.73 5.79
C GLY A 242 -2.88 -1.78 5.97
N LYS A 243 -4.09 -2.27 5.67
CA LYS A 243 -5.29 -1.48 5.84
C LYS A 243 -6.37 -2.13 6.70
N LEU A 244 -6.16 -3.37 7.13
CA LEU A 244 -7.12 -4.04 7.99
C LEU A 244 -6.75 -3.87 9.45
N ASN A 245 -7.72 -4.10 10.32
CA ASN A 245 -7.43 -4.19 11.75
C ASN A 245 -7.70 -5.62 12.23
N ILE A 246 -7.24 -5.90 13.45
CA ILE A 246 -7.30 -7.27 13.96
C ILE A 246 -8.71 -7.85 13.91
N PRO A 247 -9.77 -7.14 14.34
CA PRO A 247 -11.12 -7.73 14.24
C PRO A 247 -11.53 -8.09 12.82
N ASP A 248 -11.09 -7.32 11.82
CA ASP A 248 -11.37 -7.68 10.43
C ASP A 248 -10.74 -9.03 10.08
N VAL A 249 -9.49 -9.24 10.50
CA VAL A 249 -8.79 -10.48 10.15
C VAL A 249 -9.40 -11.65 10.90
N VAL A 250 -9.75 -11.45 12.17
CA VAL A 250 -10.37 -12.54 12.93
C VAL A 250 -11.70 -12.92 12.29
N LYS A 251 -12.52 -11.92 11.94
CA LYS A 251 -13.82 -12.19 11.33
C LYS A 251 -13.66 -12.94 10.01
N LEU A 252 -12.77 -12.45 9.14
CA LEU A 252 -12.53 -13.12 7.86
C LEU A 252 -12.13 -14.58 8.06
N ALA A 253 -11.17 -14.82 8.96
CA ALA A 253 -10.69 -16.19 9.16
C ALA A 253 -11.80 -17.09 9.66
N ASN A 254 -12.62 -16.58 10.59
CA ASN A 254 -13.70 -17.40 11.12
C ASN A 254 -14.84 -17.58 10.12
N GLN A 255 -15.10 -16.58 9.28
CA GLN A 255 -16.07 -16.78 8.18
C GLN A 255 -15.62 -17.91 7.28
N ALA A 256 -14.37 -17.84 6.83
CA ALA A 256 -13.88 -18.85 5.90
C ALA A 256 -13.83 -20.22 6.55
N ALA A 257 -13.41 -20.28 7.82
CA ALA A 257 -13.34 -21.56 8.51
C ALA A 257 -14.70 -22.10 8.91
N SER A 258 -15.77 -21.31 8.77
CA SER A 258 -17.10 -21.85 9.06
C SER A 258 -17.72 -22.53 7.85
N ILE A 259 -17.18 -22.36 6.65
CA ILE A 259 -17.74 -22.99 5.46
C ILE A 259 -16.74 -23.90 4.77
N SER A 260 -15.62 -24.16 5.43
CA SER A 260 -14.60 -25.10 4.98
C SER A 260 -13.87 -25.54 6.24
N LYS A 261 -13.14 -26.64 6.14
CA LYS A 261 -12.44 -27.20 7.30
C LYS A 261 -11.04 -26.63 7.36
N ALA A 262 -10.77 -25.80 8.37
CA ALA A 262 -9.43 -25.22 8.51
C ALA A 262 -8.42 -26.30 8.90
N VAL A 263 -7.35 -26.43 8.11
CA VAL A 263 -6.31 -27.42 8.37
C VAL A 263 -4.94 -26.76 8.43
N GLY A 264 -4.85 -25.49 8.04
CA GLY A 264 -3.60 -24.77 8.19
C GLY A 264 -3.82 -23.37 8.70
N LEU A 265 -2.95 -22.92 9.62
CA LEU A 265 -2.93 -21.52 10.04
C LEU A 265 -1.47 -21.10 10.25
N THR A 266 -0.97 -20.17 9.43
CA THR A 266 0.33 -19.55 9.68
C THR A 266 0.15 -18.13 10.16
N ILE A 267 0.91 -17.73 11.18
CA ILE A 267 1.03 -16.33 11.57
C ILE A 267 2.45 -15.90 11.27
N ALA A 268 2.63 -14.98 10.32
CA ALA A 268 3.96 -14.64 9.84
C ALA A 268 4.22 -13.14 9.97
N GLU A 269 5.52 -12.81 9.98
CA GLU A 269 6.05 -11.45 9.83
C GLU A 269 5.85 -10.58 11.07
N HIS A 270 5.65 -11.19 12.23
CA HIS A 270 5.67 -10.46 13.50
C HIS A 270 7.03 -9.81 13.70
N LEU A 271 7.03 -8.48 13.88
CA LEU A 271 8.24 -7.70 14.12
C LEU A 271 8.01 -6.84 15.34
N PRO A 272 8.21 -7.39 16.54
CA PRO A 272 7.87 -6.68 17.79
C PRO A 272 8.93 -5.68 18.22
N TRP A 273 8.89 -4.51 17.60
CA TRP A 273 9.92 -3.49 17.81
C TRP A 273 10.06 -3.15 19.29
N ASP A 274 8.93 -2.95 19.98
CA ASP A 274 8.97 -2.60 21.40
C ASP A 274 9.62 -3.71 22.22
N ALA A 275 9.21 -4.95 21.98
CA ALA A 275 9.77 -6.05 22.77
C ALA A 275 11.26 -6.19 22.51
N LEU A 276 11.68 -5.97 21.26
CA LEU A 276 13.10 -6.06 20.92
C LEU A 276 13.89 -4.97 21.64
N ASN A 277 13.39 -3.75 21.58
CA ASN A 277 14.08 -2.64 22.21
C ASN A 277 14.08 -2.78 23.73
N LEU A 278 13.00 -3.34 24.29
CA LEU A 278 12.95 -3.58 25.73
C LEU A 278 13.93 -4.69 26.13
N LYS A 279 13.98 -5.78 25.37
CA LYS A 279 14.95 -6.83 25.66
C LYS A 279 16.37 -6.29 25.66
N ASN A 280 16.71 -5.45 24.67
CA ASN A 280 18.06 -4.91 24.60
C ASN A 280 18.31 -3.94 25.75
N MET A 281 17.29 -3.17 26.12
CA MET A 281 17.41 -2.26 27.26
C MET A 281 17.75 -3.02 28.53
N LEU A 282 17.02 -4.10 28.81
CA LEU A 282 17.24 -4.83 30.04
C LEU A 282 18.62 -5.47 30.06
N GLU A 283 19.09 -5.92 28.90
CA GLU A 283 20.44 -6.48 28.83
C GLU A 283 21.49 -5.44 29.17
N GLU A 284 21.24 -4.17 28.84
CA GLU A 284 22.23 -3.11 29.00
C GLU A 284 22.11 -2.37 30.33
N LEU A 285 21.03 -2.57 31.08
CA LEU A 285 20.83 -1.81 32.30
C LEU A 285 21.69 -2.35 33.45
N PRO A 286 22.01 -1.51 34.43
CA PRO A 286 22.71 -2.02 35.62
C PRO A 286 21.87 -3.02 36.39
N LEU A 287 22.59 -3.88 37.14
CA LEU A 287 22.02 -4.76 38.15
C LEU A 287 21.26 -5.96 37.60
N ILE A 288 20.30 -5.74 36.70
CA ILE A 288 19.42 -6.82 36.26
C ILE A 288 20.24 -7.84 35.46
N GLY A 289 20.18 -9.09 35.87
CA GLY A 289 20.95 -10.05 35.09
C GLY A 289 22.44 -10.03 35.35
N LYS A 290 22.91 -9.18 36.27
CA LYS A 290 24.35 -8.93 36.41
C LYS A 290 24.97 -9.40 37.72
N SER B 2 18.24 -9.21 -13.52
CA SER B 2 17.55 -8.01 -13.96
C SER B 2 16.06 -8.24 -14.11
N SER B 3 15.28 -7.16 -13.99
CA SER B 3 13.84 -7.26 -14.16
C SER B 3 13.31 -6.01 -14.83
N ILE B 4 12.21 -6.20 -15.56
CA ILE B 4 11.60 -5.14 -16.36
C ILE B 4 11.17 -3.94 -15.51
N ASN B 5 10.91 -4.14 -14.21
CA ASN B 5 10.46 -3.06 -13.36
C ASN B 5 11.58 -2.42 -12.55
N LYS B 6 12.83 -2.83 -12.76
CA LYS B 6 13.98 -2.25 -12.09
C LYS B 6 14.99 -1.84 -13.16
N PRO B 7 14.75 -0.72 -13.84
CA PRO B 7 15.60 -0.36 -14.98
C PRO B 7 17.00 0.05 -14.56
N LEU B 8 17.94 -0.13 -15.47
CA LEU B 8 19.24 0.52 -15.35
C LEU B 8 19.10 1.99 -15.67
N ARG B 9 19.55 2.85 -14.75
CA ARG B 9 19.55 4.28 -15.01
C ARG B 9 20.91 4.68 -15.55
N LEU B 10 20.93 5.28 -16.74
CA LEU B 10 22.16 5.76 -17.36
C LEU B 10 22.15 7.28 -17.33
N ILE B 11 23.04 7.87 -16.54
CA ILE B 11 23.26 9.31 -16.59
C ILE B 11 24.24 9.59 -17.73
N PHE B 12 23.82 10.35 -18.72
CA PHE B 12 24.55 10.45 -20.00
C PHE B 12 24.64 11.91 -20.39
N PRO B 13 25.62 12.65 -19.83
CA PRO B 13 25.65 14.11 -20.02
C PRO B 13 26.33 14.55 -21.31
N GLN B 14 25.97 13.87 -22.40
CA GLN B 14 26.53 14.20 -23.71
C GLN B 14 26.02 15.55 -24.21
N TRP B 15 26.95 16.38 -24.68
CA TRP B 15 26.62 17.72 -25.16
C TRP B 15 27.12 17.96 -26.58
N GLN B 16 27.96 17.08 -27.12
CA GLN B 16 28.58 17.27 -28.41
C GLN B 16 27.65 16.97 -29.58
N GLY B 17 26.64 16.13 -29.36
CA GLY B 17 25.70 15.83 -30.44
C GLY B 17 24.88 17.05 -30.84
N GLY B 18 24.56 17.91 -29.87
CA GLY B 18 23.94 19.18 -30.17
C GLY B 18 24.92 20.34 -30.13
N ASP B 19 26.21 20.08 -29.99
CA ASP B 19 27.26 21.08 -29.91
C ASP B 19 26.85 22.26 -29.03
N ASN B 20 26.47 21.95 -27.79
CA ASN B 20 25.97 22.97 -26.87
C ASN B 20 26.38 22.59 -25.45
N PRO B 21 27.44 23.21 -24.93
CA PRO B 21 27.99 22.81 -23.62
C PRO B 21 26.96 22.72 -22.49
N PRO B 22 25.94 23.60 -22.42
CA PRO B 22 25.00 23.50 -21.29
C PRO B 22 24.24 22.18 -21.17
N TYR B 23 24.22 21.32 -22.20
CA TYR B 23 23.60 20.00 -22.04
C TYR B 23 24.24 19.21 -20.91
N TYR B 24 25.54 19.39 -20.66
CA TYR B 24 26.19 18.61 -19.60
C TYR B 24 25.56 18.92 -18.25
N LEU B 25 25.50 20.20 -17.89
CA LEU B 25 24.80 20.57 -16.65
C LEU B 25 23.34 20.14 -16.68
N GLY B 26 22.69 20.25 -17.85
CA GLY B 26 21.31 19.82 -17.95
C GLY B 26 21.13 18.37 -17.53
N SER B 27 22.10 17.50 -17.89
CA SER B 27 21.99 16.10 -17.52
C SER B 27 22.26 15.90 -16.02
N GLN B 28 23.30 16.55 -15.49
CA GLN B 28 23.57 16.45 -14.06
C GLN B 28 22.39 16.96 -13.23
N LEU B 29 21.76 18.04 -13.68
CA LEU B 29 20.63 18.60 -12.94
C LEU B 29 19.42 17.68 -13.05
N LEU B 30 19.19 17.13 -14.25
CA LEU B 30 18.15 16.12 -14.40
C LEU B 30 18.36 14.98 -13.41
N ALA B 31 19.60 14.48 -13.30
CA ALA B 31 19.87 13.38 -12.38
C ALA B 31 19.60 13.77 -10.93
N TRP B 32 19.94 15.01 -10.56
CA TRP B 32 19.69 15.49 -9.22
C TRP B 32 18.20 15.61 -8.92
N LEU B 33 17.40 16.04 -9.90
CA LEU B 33 15.97 16.24 -9.73
C LEU B 33 15.15 14.95 -9.78
N SER B 34 15.75 13.85 -10.21
CA SER B 34 15.00 12.63 -10.47
C SER B 34 14.63 11.90 -9.18
N PRO B 35 13.56 11.11 -9.21
CA PRO B 35 13.26 10.24 -8.06
C PRO B 35 14.40 9.25 -7.83
N ASP B 36 14.39 8.63 -6.66
CA ASP B 36 15.40 7.63 -6.36
C ASP B 36 15.31 6.48 -7.36
N PRO B 37 16.45 5.95 -7.80
CA PRO B 37 16.42 4.88 -8.81
C PRO B 37 15.93 3.56 -8.23
N LYS B 38 15.17 2.82 -9.03
CA LYS B 38 14.69 1.51 -8.63
C LYS B 38 15.70 0.40 -8.87
N GLY B 39 16.75 0.68 -9.65
CA GLY B 39 17.74 -0.33 -9.99
C GLY B 39 19.14 0.24 -9.98
N ALA B 40 20.00 -0.25 -10.86
CA ALA B 40 21.38 0.21 -10.89
C ALA B 40 21.47 1.58 -11.55
N VAL B 41 22.58 2.26 -11.29
CA VAL B 41 22.87 3.56 -11.91
C VAL B 41 24.31 3.54 -12.42
N GLU B 42 24.50 4.02 -13.65
CA GLU B 42 25.83 4.25 -14.18
C GLU B 42 25.86 5.62 -14.84
N GLU B 43 27.04 6.21 -14.89
CA GLU B 43 27.24 7.47 -15.59
C GLU B 43 28.23 7.24 -16.73
N VAL B 44 27.83 7.58 -17.94
CA VAL B 44 28.72 7.47 -19.09
C VAL B 44 29.79 8.55 -19.00
N PRO B 45 31.08 8.21 -19.05
CA PRO B 45 32.12 9.24 -19.05
C PRO B 45 32.01 10.17 -20.26
N VAL B 46 31.78 11.44 -19.98
CA VAL B 46 31.72 12.50 -20.98
C VAL B 46 32.62 13.62 -20.49
N PRO B 47 33.54 14.15 -21.30
CA PRO B 47 34.34 15.30 -20.84
C PRO B 47 33.47 16.51 -20.58
N LYS B 48 33.69 17.15 -19.44
CA LYS B 48 33.04 18.43 -19.19
C LYS B 48 33.49 19.44 -20.25
N PRO B 49 32.60 20.29 -20.73
CA PRO B 49 33.02 21.32 -21.70
C PRO B 49 34.17 22.15 -21.12
N THR B 50 35.18 22.39 -21.95
CA THR B 50 36.38 23.11 -21.52
C THR B 50 36.49 24.50 -22.12
N GLY B 51 35.58 24.87 -23.00
CA GLY B 51 35.69 26.10 -23.77
C GLY B 51 36.32 25.92 -25.13
N GLU B 52 37.02 24.82 -25.35
CA GLU B 52 37.60 24.56 -26.67
C GLU B 52 36.50 24.13 -27.64
N PRO B 53 36.42 24.75 -28.81
CA PRO B 53 35.33 24.39 -29.74
C PRO B 53 35.50 22.99 -30.29
N LEU B 54 34.37 22.34 -30.53
CA LEU B 54 34.39 21.11 -31.30
C LEU B 54 34.54 21.44 -32.79
N GLN B 55 34.98 20.44 -33.55
CA GLN B 55 35.18 20.64 -34.98
C GLN B 55 34.48 19.56 -35.78
N GLU B 56 34.07 19.95 -36.99
CA GLU B 56 33.41 19.05 -37.93
C GLU B 56 34.44 18.03 -38.42
N GLU B 57 34.12 16.75 -38.26
CA GLU B 57 35.01 15.66 -38.66
C GLU B 57 34.26 14.85 -39.71
N ASN B 58 34.62 15.06 -40.98
CA ASN B 58 33.92 14.50 -42.14
C ASN B 58 32.41 14.59 -41.95
N GLY B 59 31.95 15.83 -41.77
CA GLY B 59 30.54 16.12 -41.81
C GLY B 59 29.77 16.01 -40.51
N ILE B 60 30.40 15.56 -39.43
CA ILE B 60 29.76 15.45 -38.12
C ILE B 60 30.63 16.14 -37.08
N VAL B 61 30.05 17.13 -36.39
CA VAL B 61 30.77 17.81 -35.32
C VAL B 61 31.02 16.83 -34.17
N GLY B 62 32.28 16.73 -33.74
CA GLY B 62 32.65 15.83 -32.66
C GLY B 62 32.48 14.35 -32.95
N ARG B 63 32.70 13.93 -34.21
CA ARG B 63 32.41 12.56 -34.59
C ARG B 63 33.11 11.55 -33.69
N SER B 64 34.42 11.71 -33.48
CA SER B 64 35.16 10.65 -32.78
C SER B 64 34.75 10.54 -31.32
N ILE B 65 34.55 11.68 -30.63
CA ILE B 65 34.14 11.59 -29.24
C ILE B 65 32.73 11.02 -29.13
N LEU B 66 31.87 11.32 -30.10
CA LEU B 66 30.52 10.74 -30.07
C LEU B 66 30.56 9.22 -30.24
N ILE B 67 31.44 8.73 -31.11
CA ILE B 67 31.60 7.28 -31.27
C ILE B 67 32.12 6.66 -29.98
N ASP B 68 33.08 7.33 -29.33
CA ASP B 68 33.62 6.81 -28.08
C ASP B 68 32.54 6.73 -27.02
N GLN B 69 31.71 7.76 -26.92
CA GLN B 69 30.69 7.78 -25.88
C GLN B 69 29.60 6.77 -26.19
N LEU B 70 29.26 6.60 -27.47
CA LEU B 70 28.35 5.54 -27.88
C LEU B 70 28.87 4.18 -27.45
N SER B 71 30.17 3.92 -27.65
CA SER B 71 30.75 2.65 -27.22
C SER B 71 30.72 2.50 -25.70
N GLU B 72 30.99 3.57 -24.96
CA GLU B 72 31.01 3.45 -23.52
C GLU B 72 29.60 3.22 -22.96
N ALA B 73 28.60 3.80 -23.60
CA ALA B 73 27.23 3.58 -23.17
C ALA B 73 26.82 2.12 -23.38
N ARG B 74 27.18 1.56 -24.53
CA ARG B 74 26.91 0.14 -24.79
C ARG B 74 27.62 -0.74 -23.77
N GLN B 75 28.90 -0.44 -23.46
CA GLN B 75 29.61 -1.25 -22.46
C GLN B 75 28.89 -1.26 -21.14
N LEU B 76 28.44 -0.09 -20.70
CA LEU B 76 27.79 0.01 -19.41
C LEU B 76 26.44 -0.69 -19.43
N ILE B 77 25.75 -0.69 -20.58
CA ILE B 77 24.50 -1.44 -20.68
C ILE B 77 24.77 -2.95 -20.57
N GLU B 78 25.73 -3.43 -21.37
CA GLU B 78 26.10 -4.85 -21.36
C GLU B 78 26.58 -5.31 -19.98
N LYS B 79 27.16 -4.40 -19.20
CA LYS B 79 27.57 -4.76 -17.85
C LYS B 79 26.39 -5.24 -17.01
N HIS B 80 25.21 -4.66 -17.23
CA HIS B 80 24.04 -4.98 -16.43
C HIS B 80 23.00 -5.84 -17.14
N THR B 81 23.13 -6.04 -18.45
CA THR B 81 22.17 -6.72 -19.33
C THR B 81 20.74 -6.43 -18.88
N PRO B 82 20.31 -5.17 -18.91
CA PRO B 82 19.03 -4.80 -18.29
C PRO B 82 17.84 -5.13 -19.19
N ASP B 83 16.69 -5.31 -18.54
CA ASP B 83 15.44 -5.49 -19.26
C ASP B 83 14.77 -4.16 -19.62
N SER B 84 15.15 -3.09 -18.92
CA SER B 84 14.60 -1.76 -19.21
C SER B 84 15.66 -0.73 -18.89
N LEU B 85 15.48 0.48 -19.44
CA LEU B 85 16.48 1.53 -19.36
C LEU B 85 15.81 2.87 -19.15
N VAL B 86 16.42 3.68 -18.27
CA VAL B 86 16.08 5.09 -18.07
C VAL B 86 17.34 5.88 -18.39
N VAL B 87 17.25 6.79 -19.35
CA VAL B 87 18.42 7.52 -19.87
C VAL B 87 18.24 9.01 -19.57
N LEU B 88 19.13 9.56 -18.75
CA LEU B 88 19.04 10.98 -18.39
C LEU B 88 20.11 11.71 -19.21
N GLY B 89 19.70 12.21 -20.38
CA GLY B 89 20.57 12.95 -21.25
C GLY B 89 20.64 14.40 -20.81
N GLY B 90 21.35 15.22 -21.58
CA GLY B 90 22.10 14.81 -22.75
C GLY B 90 21.31 15.14 -24.01
N ASP B 91 22.00 15.35 -25.14
CA ASP B 91 21.29 15.61 -26.38
C ASP B 91 20.63 14.32 -26.91
N CYS B 92 19.79 14.46 -27.93
CA CYS B 92 18.93 13.36 -28.36
C CYS B 92 19.71 12.12 -28.79
N LEU B 93 20.95 12.28 -29.24
CA LEU B 93 21.75 11.13 -29.68
C LEU B 93 22.04 10.14 -28.54
N VAL B 94 21.79 10.51 -27.28
CA VAL B 94 22.01 9.55 -26.19
C VAL B 94 21.10 8.34 -26.30
N SER B 95 19.99 8.43 -27.02
CA SER B 95 19.12 7.25 -27.10
C SER B 95 19.64 6.17 -28.05
N LEU B 96 20.73 6.40 -28.76
CA LEU B 96 21.11 5.46 -29.83
C LEU B 96 21.46 4.09 -29.24
N ALA B 97 22.44 4.02 -28.35
CA ALA B 97 22.81 2.72 -27.79
C ALA B 97 21.69 2.11 -26.93
N PRO B 98 21.05 2.88 -26.03
CA PRO B 98 19.96 2.28 -25.24
C PRO B 98 18.82 1.72 -26.10
N PHE B 99 18.36 2.47 -27.10
CA PHE B 99 17.26 1.94 -27.90
C PHE B 99 17.72 0.81 -28.82
N SER B 100 19.00 0.84 -29.25
CA SER B 100 19.56 -0.29 -30.01
C SER B 100 19.53 -1.56 -29.17
N TRP B 101 19.91 -1.46 -27.90
CA TRP B 101 19.84 -2.60 -27.00
C TRP B 101 18.39 -3.09 -26.87
N LEU B 102 17.45 -2.19 -26.63
CA LEU B 102 16.06 -2.61 -26.50
C LEU B 102 15.55 -3.26 -27.78
N LEU B 103 16.01 -2.80 -28.94
CA LEU B 103 15.63 -3.43 -30.20
C LEU B 103 16.23 -4.83 -30.32
N GLU B 104 17.45 -5.03 -29.84
CA GLU B 104 18.01 -6.39 -29.88
C GLU B 104 17.25 -7.34 -28.96
N LYS B 105 16.75 -6.84 -27.83
CA LYS B 105 16.09 -7.69 -26.85
C LYS B 105 14.64 -7.98 -27.23
N TYR B 106 13.91 -6.97 -27.68
CA TYR B 106 12.48 -7.08 -27.91
C TYR B 106 12.11 -7.15 -29.39
N LYS B 107 13.03 -6.85 -30.29
CA LYS B 107 12.91 -7.05 -31.75
C LYS B 107 11.64 -6.36 -32.26
N ASP B 108 10.82 -7.02 -33.07
CA ASP B 108 9.69 -6.35 -33.71
C ASP B 108 8.50 -6.18 -32.78
N LYS B 109 8.60 -6.60 -31.53
CA LYS B 109 7.58 -6.30 -30.54
C LYS B 109 7.75 -4.92 -29.93
N LEU B 110 8.88 -4.26 -30.18
CA LEU B 110 9.13 -2.94 -29.64
C LEU B 110 8.57 -1.87 -30.57
N GLY B 111 7.97 -0.84 -29.97
CA GLY B 111 7.69 0.39 -30.67
C GLY B 111 8.47 1.53 -30.04
N ILE B 112 8.81 2.52 -30.84
CA ILE B 112 9.51 3.71 -30.37
C ILE B 112 8.56 4.87 -30.48
N LEU B 113 8.20 5.44 -29.33
CA LEU B 113 7.38 6.64 -29.27
C LEU B 113 8.33 7.82 -29.10
N TRP B 114 8.53 8.58 -30.17
CA TRP B 114 9.50 9.66 -30.22
C TRP B 114 8.76 10.97 -30.01
N ILE B 115 8.89 11.54 -28.81
CA ILE B 115 8.14 12.75 -28.44
C ILE B 115 9.09 13.92 -28.60
N ASP B 116 8.83 14.76 -29.60
CA ASP B 116 9.82 15.69 -30.11
C ASP B 116 9.11 16.66 -31.03
N SER B 117 9.58 17.92 -31.03
CA SER B 117 9.13 18.86 -32.05
C SER B 117 9.65 18.47 -33.43
N HIS B 118 10.73 17.70 -33.49
CA HIS B 118 11.48 17.40 -34.70
C HIS B 118 11.63 15.90 -34.87
N PRO B 119 11.79 15.42 -36.12
CA PRO B 119 11.83 13.96 -36.35
C PRO B 119 13.20 13.32 -36.18
N ASP B 120 14.26 14.13 -36.18
CA ASP B 120 15.63 13.64 -36.00
C ASP B 120 15.97 12.55 -37.00
N VAL B 121 15.66 12.80 -38.28
CA VAL B 121 15.94 11.86 -39.36
C VAL B 121 16.90 12.44 -40.40
N GLN B 122 17.48 13.61 -40.13
CA GLN B 122 18.49 14.14 -41.02
C GLN B 122 19.76 13.30 -40.94
N THR B 123 20.61 13.47 -41.96
CA THR B 123 21.92 12.82 -42.07
C THR B 123 22.98 13.92 -42.20
N PRO B 124 24.28 13.59 -42.15
CA PRO B 124 25.29 14.64 -42.37
C PRO B 124 25.14 15.40 -43.69
N LYS B 125 24.41 14.84 -44.66
CA LYS B 125 24.16 15.57 -45.89
C LYS B 125 23.30 16.80 -45.65
N GLU B 126 22.45 16.75 -44.62
CA GLU B 126 21.51 17.84 -44.32
C GLU B 126 21.94 18.70 -43.14
N TYR B 127 22.72 18.17 -42.20
CA TYR B 127 22.94 18.85 -40.94
C TYR B 127 24.13 18.23 -40.22
N LYS B 128 24.97 19.08 -39.61
CA LYS B 128 26.24 18.59 -39.08
C LYS B 128 26.21 18.22 -37.61
N ASN B 129 25.13 18.54 -36.88
CA ASN B 129 25.04 18.19 -35.47
C ASN B 129 24.26 16.88 -35.34
N ALA B 130 24.89 15.88 -34.73
CA ALA B 130 24.38 14.52 -34.81
C ALA B 130 23.11 14.27 -33.98
N HIS B 131 22.71 15.21 -33.10
CA HIS B 131 21.45 14.96 -32.40
C HIS B 131 20.24 15.04 -33.33
N ALA B 132 20.41 15.55 -34.54
CA ALA B 132 19.37 15.53 -35.55
C ALA B 132 19.33 14.23 -36.35
N HIS B 133 20.21 13.27 -36.06
CA HIS B 133 20.35 12.07 -36.88
C HIS B 133 19.82 10.81 -36.23
N VAL B 134 19.50 10.82 -34.93
CA VAL B 134 19.50 9.59 -34.15
C VAL B 134 18.32 8.69 -34.51
N LEU B 135 17.13 9.25 -34.74
CA LEU B 135 15.99 8.39 -35.04
C LEU B 135 16.17 7.72 -36.41
N GLY B 136 16.68 8.46 -37.39
CA GLY B 136 17.02 7.84 -38.66
C GLY B 136 18.03 6.70 -38.51
N GLU B 137 19.02 6.89 -37.66
CA GLU B 137 20.03 5.85 -37.44
C GLU B 137 19.43 4.62 -36.77
N LEU B 138 18.45 4.80 -35.87
CA LEU B 138 17.80 3.64 -35.28
C LEU B 138 17.06 2.82 -36.34
N MET B 139 16.64 3.46 -37.43
CA MET B 139 16.05 2.82 -38.59
C MET B 139 17.09 2.21 -39.52
N GLY B 140 18.37 2.38 -39.22
CA GLY B 140 19.42 1.92 -40.09
C GLY B 140 19.74 2.85 -41.25
N ASN B 141 19.30 4.10 -41.19
CA ASN B 141 19.54 5.06 -42.25
C ASN B 141 20.56 6.10 -41.80
N GLY B 142 21.44 6.50 -42.72
CA GLY B 142 22.33 7.59 -42.40
C GLY B 142 23.78 7.19 -42.24
N ASP B 143 24.47 7.85 -41.32
CA ASP B 143 25.93 7.76 -41.27
C ASP B 143 26.39 6.40 -40.80
N SER B 144 27.24 5.75 -41.60
CA SER B 144 27.63 4.37 -41.37
C SER B 144 28.36 4.17 -40.05
N ASP B 145 29.05 5.19 -39.52
CA ASP B 145 29.73 4.99 -38.24
C ASP B 145 28.74 4.70 -37.13
N PHE B 146 27.52 5.22 -37.28
CA PHE B 146 26.47 5.06 -36.28
C PHE B 146 25.50 3.94 -36.63
N THR B 147 25.10 3.81 -37.90
CA THR B 147 24.15 2.76 -38.26
C THR B 147 24.76 1.36 -38.08
N ARG B 148 26.08 1.24 -38.21
CA ARG B 148 26.69 -0.08 -38.08
C ARG B 148 26.66 -0.63 -36.67
N THR B 149 26.35 0.21 -35.66
CA THR B 149 26.15 -0.23 -34.29
C THR B 149 24.73 -0.70 -33.99
N VAL B 150 23.80 -0.54 -34.91
CA VAL B 150 22.39 -0.90 -34.70
C VAL B 150 22.18 -2.29 -35.32
N LYS B 151 22.19 -3.32 -34.48
CA LYS B 151 22.12 -4.69 -35.00
C LYS B 151 20.73 -5.08 -35.46
N HIS B 152 19.69 -4.50 -34.85
CA HIS B 152 18.29 -4.80 -35.19
C HIS B 152 17.60 -3.46 -35.42
N PRO B 153 17.72 -2.89 -36.62
CA PRO B 153 17.07 -1.60 -36.87
C PRO B 153 15.57 -1.70 -36.75
N VAL B 154 14.96 -0.63 -36.28
CA VAL B 154 13.51 -0.57 -36.14
C VAL B 154 12.88 -0.37 -37.50
N SER B 155 11.83 -1.14 -37.77
CA SER B 155 11.03 -0.88 -38.95
C SER B 155 10.30 0.46 -38.81
N PRO B 156 10.23 1.25 -39.87
CA PRO B 156 9.56 2.55 -39.74
C PRO B 156 8.10 2.46 -39.34
N GLN B 157 7.44 1.32 -39.54
CA GLN B 157 6.07 1.13 -39.05
C GLN B 157 6.00 1.08 -37.53
N LYS B 158 7.11 0.77 -36.85
CA LYS B 158 7.14 0.68 -35.40
C LYS B 158 7.64 1.96 -34.74
N ILE B 159 7.56 3.08 -35.45
CA ILE B 159 7.88 4.41 -34.93
C ILE B 159 6.61 5.26 -34.94
N MET B 160 6.46 6.08 -33.91
CA MET B 160 5.43 7.11 -33.85
C MET B 160 6.10 8.38 -33.35
N ILE B 161 6.05 9.46 -34.15
CA ILE B 161 6.62 10.74 -33.75
C ILE B 161 5.47 11.62 -33.29
N ALA B 162 5.43 11.95 -32.00
CA ALA B 162 4.36 12.74 -31.42
C ALA B 162 4.86 14.10 -30.97
N GLY B 163 4.07 15.14 -31.25
CA GLY B 163 4.45 16.50 -30.94
C GLY B 163 5.06 17.24 -32.12
N ILE B 164 5.23 16.56 -33.24
CA ILE B 164 5.87 17.13 -34.42
C ILE B 164 4.88 17.99 -35.18
N HIS B 165 5.39 19.06 -35.78
CA HIS B 165 4.59 19.96 -36.60
C HIS B 165 5.57 20.75 -37.45
N ASP B 166 5.07 21.25 -38.58
CA ASP B 166 5.84 22.12 -39.48
C ASP B 166 7.23 21.56 -39.80
N PRO B 167 7.30 20.34 -40.31
CA PRO B 167 8.61 19.75 -40.63
C PRO B 167 9.25 20.41 -41.85
N LEU B 168 10.56 20.28 -41.94
CA LEU B 168 11.28 20.73 -43.11
C LEU B 168 10.86 19.89 -44.32
N PRO B 169 11.03 20.41 -45.53
CA PRO B 169 10.66 19.62 -46.72
C PRO B 169 11.34 18.27 -46.79
N TYR B 170 12.64 18.20 -46.49
CA TYR B 170 13.34 16.92 -46.46
C TYR B 170 12.67 15.95 -45.50
N GLU B 171 12.31 16.44 -44.30
CA GLU B 171 11.74 15.58 -43.28
C GLU B 171 10.34 15.11 -43.67
N ALA B 172 9.51 16.00 -44.19
CA ALA B 172 8.18 15.60 -44.62
C ALA B 172 8.26 14.51 -45.69
N ASN B 173 9.19 14.66 -46.63
CA ASN B 173 9.36 13.66 -47.67
C ASN B 173 9.85 12.34 -47.09
N PHE B 174 10.82 12.39 -46.16
CA PHE B 174 11.32 11.18 -45.54
C PHE B 174 10.21 10.47 -44.77
N ILE B 175 9.39 11.22 -44.05
CA ILE B 175 8.31 10.63 -43.28
C ILE B 175 7.28 10.00 -44.20
N SER B 176 6.92 10.69 -45.27
CA SER B 176 5.95 10.16 -46.22
C SER B 176 6.50 8.92 -46.92
N GLU B 177 7.75 8.99 -47.39
CA GLU B 177 8.32 7.89 -48.16
C GLU B 177 8.46 6.62 -47.32
N HIS B 178 8.67 6.74 -46.01
CA HIS B 178 8.84 5.59 -45.15
C HIS B 178 7.57 5.22 -44.39
N LYS B 179 6.48 5.96 -44.60
CA LYS B 179 5.20 5.69 -43.93
C LYS B 179 5.34 5.74 -42.41
N ILE B 180 6.18 6.66 -41.93
CA ILE B 180 6.36 6.87 -40.50
C ILE B 180 5.14 7.61 -39.95
N GLN B 181 4.55 7.06 -38.89
CA GLN B 181 3.36 7.65 -38.32
C GLN B 181 3.70 8.86 -37.46
N THR B 182 2.79 9.82 -37.43
CA THR B 182 2.98 11.04 -36.67
C THR B 182 1.70 11.39 -35.91
N CYS B 183 1.88 12.25 -34.92
CA CYS B 183 0.76 12.75 -34.12
C CYS B 183 1.07 14.19 -33.77
N SER B 184 0.24 15.11 -34.24
CA SER B 184 0.50 16.54 -34.04
C SER B 184 0.21 16.96 -32.60
N PRO B 185 0.72 18.13 -32.20
CA PRO B 185 0.37 18.63 -30.85
C PRO B 185 -1.13 18.69 -30.62
N GLU B 186 -1.87 19.17 -31.62
CA GLU B 186 -3.33 19.24 -31.51
C GLU B 186 -3.94 17.85 -31.33
N GLN B 187 -3.41 16.85 -32.07
CA GLN B 187 -3.90 15.49 -31.92
C GLN B 187 -3.55 14.91 -30.55
N VAL B 188 -2.38 15.25 -30.00
CA VAL B 188 -2.05 14.80 -28.64
C VAL B 188 -3.09 15.36 -27.67
N ARG B 189 -3.41 16.65 -27.80
CA ARG B 189 -4.27 17.29 -26.82
C ARG B 189 -5.72 16.82 -26.94
N SER B 190 -6.12 16.32 -28.11
CA SER B 190 -7.44 15.77 -28.34
C SER B 190 -7.57 14.32 -27.89
N GLY B 191 -6.53 13.76 -27.28
CA GLY B 191 -6.59 12.40 -26.76
C GLY B 191 -5.59 11.43 -27.37
N ALA B 192 -4.74 11.88 -28.29
CA ALA B 192 -3.66 11.05 -28.85
C ALA B 192 -4.19 9.79 -29.52
N GLN B 193 -5.36 9.89 -30.16
CA GLN B 193 -5.90 8.74 -30.87
C GLN B 193 -4.91 8.11 -31.86
N PRO B 194 -4.12 8.86 -32.64
CA PRO B 194 -3.15 8.19 -33.53
C PRO B 194 -2.15 7.31 -32.80
N VAL B 195 -1.70 7.74 -31.61
CA VAL B 195 -0.77 6.92 -30.83
C VAL B 195 -1.46 5.65 -30.36
N LEU B 196 -2.69 5.79 -29.84
CA LEU B 196 -3.42 4.62 -29.36
C LEU B 196 -3.70 3.65 -30.51
N ASP B 197 -4.15 4.18 -31.65
CA ASP B 197 -4.41 3.31 -32.80
C ASP B 197 -3.14 2.61 -33.26
N TRP B 198 -2.01 3.33 -33.23
CA TRP B 198 -0.75 2.75 -33.70
C TRP B 198 -0.30 1.61 -32.79
N ILE B 199 -0.43 1.78 -31.48
CA ILE B 199 -0.08 0.71 -30.53
C ILE B 199 -0.95 -0.52 -30.80
N LYS B 200 -2.23 -0.30 -31.05
CA LYS B 200 -3.17 -1.41 -31.27
C LYS B 200 -2.91 -2.11 -32.60
N ASN B 201 -2.83 -1.33 -33.68
CA ASN B 201 -2.72 -1.93 -35.01
C ASN B 201 -1.36 -2.56 -35.23
N GLU B 202 -0.29 -1.93 -34.75
CA GLU B 202 1.05 -2.50 -34.91
C GLU B 202 1.36 -3.56 -33.88
N LYS B 203 0.47 -3.75 -32.89
CA LYS B 203 0.70 -4.69 -31.79
C LYS B 203 2.02 -4.39 -31.10
N ILE B 204 2.16 -3.14 -30.67
CA ILE B 204 3.35 -2.71 -29.93
C ILE B 204 3.24 -3.30 -28.54
N GLU B 205 4.08 -4.29 -28.22
CA GLU B 205 4.01 -4.94 -26.93
C GLU B 205 4.91 -4.28 -25.89
N TYR B 206 6.09 -3.81 -26.31
CA TYR B 206 7.04 -3.13 -25.46
C TYR B 206 7.33 -1.75 -26.04
N LEU B 207 7.54 -0.76 -25.17
CA LEU B 207 7.57 0.62 -25.63
C LEU B 207 8.84 1.31 -25.14
N ALA B 208 9.56 1.95 -26.06
CA ALA B 208 10.69 2.82 -25.75
C ALA B 208 10.26 4.26 -26.02
N ILE B 209 10.26 5.09 -24.97
CA ILE B 209 9.74 6.45 -25.03
C ILE B 209 10.92 7.41 -24.99
N HIS B 210 11.06 8.23 -26.03
CA HIS B 210 12.06 9.29 -26.06
C HIS B 210 11.37 10.63 -25.90
N ILE B 211 11.71 11.37 -24.85
CA ILE B 211 11.15 12.70 -24.65
C ILE B 211 12.25 13.70 -24.91
N ASP B 212 12.17 14.40 -26.05
CA ASP B 212 12.99 15.58 -26.30
C ASP B 212 12.24 16.76 -25.67
N LEU B 213 12.84 17.38 -24.64
CA LEU B 213 12.13 18.43 -23.90
C LEU B 213 11.75 19.62 -24.79
N ASP B 214 12.36 19.76 -25.97
CA ASP B 214 11.96 20.86 -26.83
C ASP B 214 10.63 20.59 -27.54
N VAL B 215 9.98 19.46 -27.24
CA VAL B 215 8.56 19.34 -27.55
C VAL B 215 7.73 20.30 -26.73
N LEU B 216 8.29 20.85 -25.65
CA LEU B 216 7.54 21.72 -24.73
C LEU B 216 7.57 23.16 -25.22
N ASP B 217 6.42 23.83 -25.09
CA ASP B 217 6.29 25.24 -25.44
C ASP B 217 7.27 26.04 -24.60
N PRO B 218 8.22 26.76 -25.20
CA PRO B 218 9.22 27.47 -24.37
C PRO B 218 8.64 28.62 -23.59
N HIS B 219 7.42 29.06 -23.91
CA HIS B 219 6.79 30.08 -23.08
C HIS B 219 6.51 29.56 -21.68
N ASN B 220 6.32 28.24 -21.53
CA ASN B 220 5.91 27.66 -20.25
C ASN B 220 6.97 26.79 -19.60
N PHE B 221 7.97 26.33 -20.34
CA PHE B 221 9.11 25.60 -19.81
C PHE B 221 10.35 26.22 -20.42
N ARG B 222 11.16 26.88 -19.59
CA ARG B 222 12.21 27.76 -20.09
C ARG B 222 13.59 27.14 -20.01
N SER B 223 13.68 25.81 -19.97
CA SER B 223 14.99 25.19 -19.93
C SER B 223 15.18 24.32 -21.18
N VAL B 224 14.88 24.91 -22.33
CA VAL B 224 15.06 24.29 -23.64
C VAL B 224 15.73 25.32 -24.55
N LEU B 225 16.22 24.83 -25.69
CA LEU B 225 16.97 25.70 -26.59
C LEU B 225 16.18 26.94 -26.96
N PHE B 226 14.88 26.78 -27.22
CA PHE B 226 14.03 27.86 -27.73
C PHE B 226 13.62 28.85 -26.66
N ALA B 227 14.02 28.66 -25.41
CA ALA B 227 13.82 29.65 -24.38
C ALA B 227 15.12 30.35 -23.98
N LYS B 228 16.15 30.28 -24.83
CA LYS B 228 17.43 30.86 -24.48
C LYS B 228 17.25 32.36 -24.21
N PRO B 229 17.69 32.87 -23.06
CA PRO B 229 17.49 34.29 -22.77
C PRO B 229 18.09 35.18 -23.85
N GLY B 230 17.35 36.22 -24.23
CA GLY B 230 17.85 37.18 -25.19
C GLY B 230 17.73 36.78 -26.65
N ARG B 231 17.06 35.67 -26.97
CA ARG B 231 16.92 35.25 -28.35
C ARG B 231 16.01 36.20 -29.12
N GLY B 232 16.15 36.16 -30.44
CA GLY B 232 15.18 36.75 -31.34
C GLY B 232 14.31 35.69 -31.99
N GLN B 233 13.45 36.14 -32.91
CA GLN B 233 12.50 35.22 -33.52
C GLN B 233 13.20 34.23 -34.45
N HIS B 234 14.22 34.66 -35.19
CA HIS B 234 14.78 33.87 -36.27
C HIS B 234 16.14 33.26 -35.93
N ASP B 235 16.50 33.21 -34.65
CA ASP B 235 17.82 32.72 -34.26
C ASP B 235 18.04 31.26 -34.63
N PHE B 236 16.97 30.47 -34.72
CA PHE B 236 17.08 29.05 -34.97
C PHE B 236 16.58 28.67 -36.36
N GLY B 237 16.59 29.62 -37.29
CA GLY B 237 16.21 29.33 -38.66
C GLY B 237 14.73 29.14 -38.88
N ASP B 238 13.89 29.62 -37.95
CA ASP B 238 12.45 29.47 -37.99
C ASP B 238 12.00 28.00 -37.99
N VAL B 239 12.86 27.11 -37.48
CA VAL B 239 12.46 25.72 -37.30
C VAL B 239 11.30 25.63 -36.30
N ALA B 240 10.61 24.50 -36.31
CA ALA B 240 9.48 24.28 -35.41
C ALA B 240 9.93 24.38 -33.95
N GLU B 241 9.08 24.96 -33.11
CA GLU B 241 9.30 25.06 -31.67
C GLU B 241 8.18 24.34 -30.92
N GLY B 242 8.41 24.12 -29.63
CA GLY B 242 7.51 23.28 -28.87
C GLY B 242 6.12 23.89 -28.74
N LYS B 243 5.10 23.02 -28.75
CA LYS B 243 3.74 23.46 -28.55
C LYS B 243 3.02 22.72 -27.44
N LEU B 244 3.60 21.66 -26.88
CA LEU B 244 2.95 20.94 -25.78
C LEU B 244 3.40 21.50 -24.43
N ASN B 245 2.62 21.21 -23.40
CA ASN B 245 3.02 21.49 -22.03
C ASN B 245 3.25 20.19 -21.26
N ILE B 246 3.89 20.31 -20.10
CA ILE B 246 4.30 19.11 -19.35
C ILE B 246 3.12 18.18 -19.08
N PRO B 247 1.95 18.65 -18.64
CA PRO B 247 0.84 17.70 -18.40
C PRO B 247 0.41 16.96 -19.66
N ASP B 248 0.52 17.58 -20.85
CA ASP B 248 0.22 16.89 -22.10
C ASP B 248 1.16 15.71 -22.30
N VAL B 249 2.45 15.91 -22.02
CA VAL B 249 3.45 14.86 -22.23
C VAL B 249 3.29 13.75 -21.20
N VAL B 250 3.05 14.12 -19.93
CA VAL B 250 2.81 13.13 -18.89
C VAL B 250 1.61 12.26 -19.26
N LYS B 251 0.52 12.90 -19.67
CA LYS B 251 -0.69 12.15 -20.01
C LYS B 251 -0.42 11.22 -21.18
N LEU B 252 0.24 11.72 -22.22
CA LEU B 252 0.53 10.89 -23.40
C LEU B 252 1.38 9.68 -23.06
N ALA B 253 2.44 9.89 -22.28
CA ALA B 253 3.33 8.79 -21.91
C ALA B 253 2.58 7.72 -21.12
N ASN B 254 1.71 8.16 -20.23
CA ASN B 254 0.97 7.20 -19.42
C ASN B 254 -0.15 6.54 -20.21
N GLN B 255 -0.76 7.25 -21.17
CA GLN B 255 -1.69 6.57 -22.07
C GLN B 255 -1.00 5.41 -22.79
N ALA B 256 0.14 5.70 -23.41
CA ALA B 256 0.83 4.69 -24.19
C ALA B 256 1.29 3.54 -23.31
N ALA B 257 1.80 3.85 -22.12
CA ALA B 257 2.30 2.84 -21.20
C ALA B 257 1.20 2.06 -20.50
N SER B 258 -0.07 2.43 -20.71
CA SER B 258 -1.19 1.65 -20.19
C SER B 258 -1.56 0.47 -21.09
N ILE B 259 -1.14 0.48 -22.35
CA ILE B 259 -1.53 -0.61 -23.26
C ILE B 259 -0.30 -1.17 -23.96
N SER B 260 0.88 -0.83 -23.43
CA SER B 260 2.14 -1.44 -23.86
C SER B 260 3.06 -1.36 -22.66
N LYS B 261 4.05 -2.26 -22.61
CA LYS B 261 4.95 -2.33 -21.47
C LYS B 261 6.13 -1.39 -21.70
N ALA B 262 6.23 -0.33 -20.91
CA ALA B 262 7.33 0.62 -21.05
C ALA B 262 8.65 -0.03 -20.62
N VAL B 263 9.62 -0.04 -21.53
CA VAL B 263 10.95 -0.59 -21.26
C VAL B 263 12.06 0.43 -21.50
N GLY B 264 11.76 1.58 -22.09
CA GLY B 264 12.77 2.61 -22.24
C GLY B 264 12.18 3.98 -21.98
N LEU B 265 12.92 4.83 -21.28
CA LEU B 265 12.54 6.23 -21.14
C LEU B 265 13.79 7.06 -21.23
N THR B 266 13.86 7.95 -22.21
CA THR B 266 14.94 8.94 -22.30
C THR B 266 14.36 10.32 -22.08
N ILE B 267 15.05 11.12 -21.26
CA ILE B 267 14.74 12.55 -21.13
C ILE B 267 15.91 13.29 -21.73
N ALA B 268 15.69 13.99 -22.85
CA ALA B 268 16.80 14.59 -23.58
C ALA B 268 16.63 16.10 -23.76
N GLU B 269 17.76 16.76 -24.04
CA GLU B 269 17.87 18.14 -24.50
C GLU B 269 17.57 19.19 -23.42
N HIS B 270 17.72 18.84 -22.14
CA HIS B 270 17.59 19.81 -21.06
C HIS B 270 18.68 20.86 -21.15
N LEU B 271 18.29 22.14 -21.25
CA LEU B 271 19.22 23.26 -21.33
C LEU B 271 18.84 24.25 -20.25
N PRO B 272 19.33 24.05 -19.02
CA PRO B 272 18.91 24.86 -17.87
C PRO B 272 19.63 26.20 -17.77
N TRP B 273 19.21 27.14 -18.64
CA TRP B 273 19.88 28.44 -18.74
C TRP B 273 20.00 29.12 -17.38
N ASP B 274 18.92 29.11 -16.60
CA ASP B 274 18.96 29.78 -15.29
C ASP B 274 19.99 29.13 -14.38
N ALA B 275 20.04 27.81 -14.34
CA ALA B 275 20.97 27.15 -13.44
C ALA B 275 22.41 27.43 -13.87
N LEU B 276 22.67 27.45 -15.18
CA LEU B 276 24.00 27.78 -15.68
C LEU B 276 24.40 29.20 -15.31
N ASN B 277 23.49 30.15 -15.53
CA ASN B 277 23.82 31.54 -15.22
C ASN B 277 23.98 31.76 -13.72
N LEU B 278 23.16 31.08 -12.91
CA LEU B 278 23.30 31.19 -11.45
C LEU B 278 24.61 30.57 -10.98
N LYS B 279 24.97 29.40 -11.54
CA LYS B 279 26.24 28.77 -11.18
C LYS B 279 27.42 29.69 -11.48
N ASN B 280 27.39 30.36 -12.62
CA ASN B 280 28.49 31.25 -12.97
C ASN B 280 28.47 32.51 -12.10
N MET B 281 27.27 33.01 -11.76
CA MET B 281 27.20 34.17 -10.87
C MET B 281 27.85 33.86 -9.53
N LEU B 282 27.57 32.69 -8.96
CA LEU B 282 28.10 32.34 -7.65
C LEU B 282 29.62 32.23 -7.67
N GLU B 283 30.17 31.69 -8.78
CA GLU B 283 31.63 31.62 -8.89
C GLU B 283 32.27 32.99 -8.89
N GLU B 284 31.55 34.02 -9.36
CA GLU B 284 32.11 35.35 -9.52
C GLU B 284 31.83 36.28 -8.33
N LEU B 285 30.97 35.88 -7.42
CA LEU B 285 30.62 36.74 -6.30
C LEU B 285 31.69 36.72 -5.22
N PRO B 286 31.78 37.80 -4.43
CA PRO B 286 32.72 37.80 -3.31
C PRO B 286 32.30 36.79 -2.24
N LEU B 287 33.29 36.33 -1.46
CA LEU B 287 33.10 35.55 -0.25
C LEU B 287 32.75 34.09 -0.51
N ILE B 288 31.69 33.84 -1.26
CA ILE B 288 31.16 32.48 -1.38
C ILE B 288 32.18 31.61 -2.10
N GLY B 289 32.54 30.48 -1.48
CA GLY B 289 33.51 29.57 -2.06
C GLY B 289 34.91 30.13 -2.16
N LYS B 290 35.13 31.30 -1.58
CA LYS B 290 36.46 31.90 -1.54
C LYS B 290 36.92 31.81 -0.09
N LYS C 6 -19.36 17.67 -29.65
CA LYS C 6 -19.98 17.51 -28.34
C LYS C 6 -21.15 16.51 -28.39
N PRO C 7 -21.30 15.71 -27.33
CA PRO C 7 -22.34 14.68 -27.34
C PRO C 7 -23.74 15.26 -27.35
N LEU C 8 -24.66 14.54 -27.97
CA LEU C 8 -26.08 14.72 -27.68
C LEU C 8 -26.35 14.18 -26.29
N ARG C 9 -26.90 15.02 -25.42
CA ARG C 9 -27.39 14.58 -24.12
C ARG C 9 -28.86 14.17 -24.26
N LEU C 10 -29.17 12.93 -23.92
CA LEU C 10 -30.53 12.40 -23.98
C LEU C 10 -31.00 12.13 -22.55
N ILE C 11 -31.94 12.96 -22.08
CA ILE C 11 -32.62 12.72 -20.81
C ILE C 11 -33.73 11.70 -21.06
N PHE C 12 -33.68 10.57 -20.35
CA PHE C 12 -34.51 9.41 -20.70
C PHE C 12 -35.06 8.82 -19.40
N PRO C 13 -36.14 9.40 -18.87
CA PRO C 13 -36.61 9.01 -17.53
C PRO C 13 -37.46 7.76 -17.52
N GLN C 14 -37.02 6.75 -18.27
CA GLN C 14 -37.75 5.49 -18.36
C GLN C 14 -37.74 4.77 -17.03
N TRP C 15 -38.91 4.32 -16.61
CA TRP C 15 -39.05 3.59 -15.36
C TRP C 15 -39.73 2.25 -15.54
N GLN C 16 -40.26 1.98 -16.73
CA GLN C 16 -41.04 0.77 -16.95
C GLN C 16 -40.18 -0.45 -17.22
N GLY C 17 -38.94 -0.27 -17.70
CA GLY C 17 -38.06 -1.41 -17.90
C GLY C 17 -37.68 -2.10 -16.61
N GLY C 18 -37.56 -1.35 -15.52
CA GLY C 18 -37.37 -1.94 -14.21
C GLY C 18 -38.61 -1.89 -13.35
N ASP C 19 -39.76 -1.56 -13.92
CA ASP C 19 -41.06 -1.47 -13.24
C ASP C 19 -40.95 -0.85 -11.85
N ASN C 20 -40.37 0.35 -11.80
CA ASN C 20 -40.13 1.03 -10.53
C ASN C 20 -40.31 2.53 -10.74
N PRO C 21 -41.45 3.08 -10.34
CA PRO C 21 -41.73 4.50 -10.57
C PRO C 21 -40.60 5.44 -10.18
N PRO C 22 -39.86 5.21 -9.07
CA PRO C 22 -38.84 6.21 -8.69
C PRO C 22 -37.73 6.40 -9.72
N TYR C 23 -37.59 5.53 -10.72
CA TYR C 23 -36.60 5.79 -11.75
C TYR C 23 -36.87 7.12 -12.44
N TYR C 24 -38.14 7.51 -12.54
CA TYR C 24 -38.46 8.76 -13.21
C TYR C 24 -37.84 9.94 -12.48
N LEU C 25 -38.11 10.07 -11.18
CA LEU C 25 -37.46 11.11 -10.38
C LEU C 25 -35.94 10.95 -10.43
N GLY C 26 -35.46 9.71 -10.47
CA GLY C 26 -34.02 9.48 -10.49
C GLY C 26 -33.36 10.06 -11.72
N SER C 27 -34.03 9.96 -12.87
CA SER C 27 -33.50 10.56 -14.10
C SER C 27 -33.55 12.08 -14.06
N GLN C 28 -34.69 12.65 -13.60
CA GLN C 28 -34.78 14.10 -13.50
C GLN C 28 -33.74 14.66 -12.53
N LEU C 29 -33.53 13.97 -11.40
CA LEU C 29 -32.54 14.45 -10.44
C LEU C 29 -31.13 14.33 -10.99
N LEU C 30 -30.84 13.22 -11.65
CA LEU C 30 -29.56 13.06 -12.34
C LEU C 30 -29.31 14.22 -13.32
N ALA C 31 -30.34 14.60 -14.08
CA ALA C 31 -30.18 15.70 -15.03
C ALA C 31 -29.87 17.01 -14.32
N TRP C 32 -30.47 17.21 -13.15
CA TRP C 32 -30.27 18.43 -12.39
C TRP C 32 -28.88 18.50 -11.77
N LEU C 33 -28.36 17.37 -11.31
CA LEU C 33 -27.03 17.32 -10.70
C LEU C 33 -25.89 17.31 -11.71
N SER C 34 -26.19 17.11 -12.98
CA SER C 34 -25.14 16.91 -13.98
C SER C 34 -24.48 18.24 -14.35
N PRO C 35 -23.24 18.20 -14.82
CA PRO C 35 -22.61 19.43 -15.33
C PRO C 35 -23.40 19.97 -16.52
N ASP C 36 -23.14 21.22 -16.85
CA ASP C 36 -23.82 21.85 -17.97
C ASP C 36 -23.48 21.11 -19.26
N PRO C 37 -24.46 20.86 -20.12
CA PRO C 37 -24.18 20.16 -21.37
C PRO C 37 -23.48 21.09 -22.36
N LYS C 38 -22.51 20.53 -23.08
CA LYS C 38 -21.81 21.31 -24.09
C LYS C 38 -22.37 21.07 -25.48
N GLY C 39 -23.25 20.08 -25.65
CA GLY C 39 -23.91 19.84 -26.91
C GLY C 39 -25.42 20.00 -26.82
N ALA C 40 -26.13 19.38 -27.75
CA ALA C 40 -27.58 19.46 -27.78
C ALA C 40 -28.18 18.60 -26.67
N VAL C 41 -29.39 18.95 -26.25
CA VAL C 41 -30.13 18.20 -25.25
C VAL C 41 -31.50 17.85 -25.81
N GLU C 42 -31.92 16.60 -25.61
CA GLU C 42 -33.28 16.17 -25.91
C GLU C 42 -33.79 15.36 -24.74
N GLU C 43 -35.11 15.33 -24.56
CA GLU C 43 -35.73 14.50 -23.54
C GLU C 43 -36.73 13.54 -24.18
N VAL C 44 -36.55 12.26 -23.93
CA VAL C 44 -37.49 11.25 -24.43
C VAL C 44 -38.80 11.39 -23.68
N PRO C 45 -39.93 11.60 -24.38
CA PRO C 45 -41.22 11.67 -23.69
C PRO C 45 -41.51 10.33 -23.00
N VAL C 46 -41.74 10.41 -21.70
CA VAL C 46 -42.03 9.24 -20.87
C VAL C 46 -43.22 9.61 -19.99
N PRO C 47 -44.28 8.82 -19.96
CA PRO C 47 -45.41 9.14 -19.07
C PRO C 47 -45.00 9.00 -17.63
N LYS C 48 -45.35 10.00 -16.81
CA LYS C 48 -45.07 9.93 -15.39
C LYS C 48 -45.83 8.76 -14.77
N PRO C 49 -45.28 8.12 -13.75
CA PRO C 49 -46.01 7.08 -13.04
C PRO C 49 -47.28 7.66 -12.41
N THR C 50 -48.36 6.87 -12.45
CA THR C 50 -49.64 7.29 -11.91
C THR C 50 -50.12 6.45 -10.74
N GLY C 51 -49.34 5.46 -10.30
CA GLY C 51 -49.81 4.49 -9.34
C GLY C 51 -50.62 3.36 -9.93
N GLU C 52 -51.10 3.51 -11.15
CA GLU C 52 -51.75 2.41 -11.85
C GLU C 52 -50.69 1.43 -12.31
N PRO C 53 -50.81 0.14 -11.96
CA PRO C 53 -49.72 -0.80 -12.23
C PRO C 53 -49.53 -1.07 -13.72
N LEU C 54 -48.29 -1.34 -14.10
CA LEU C 54 -48.01 -1.85 -15.42
C LEU C 54 -48.41 -3.33 -15.51
N GLN C 55 -48.71 -3.77 -16.71
CA GLN C 55 -49.11 -5.13 -16.98
C GLN C 55 -48.01 -5.88 -17.71
N GLU C 56 -47.92 -7.18 -17.45
CA GLU C 56 -47.10 -8.06 -18.25
C GLU C 56 -47.77 -8.25 -19.61
N GLU C 57 -47.10 -7.79 -20.67
CA GLU C 57 -47.64 -7.81 -22.03
C GLU C 57 -46.78 -8.78 -22.86
N ASN C 58 -47.29 -10.00 -23.04
CA ASN C 58 -46.59 -11.02 -23.82
C ASN C 58 -45.21 -11.30 -23.23
N GLY C 59 -45.14 -11.36 -21.91
CA GLY C 59 -43.92 -11.72 -21.23
C GLY C 59 -43.03 -10.56 -20.79
N ILE C 60 -43.37 -9.33 -21.16
CA ILE C 60 -42.57 -8.15 -20.82
C ILE C 60 -43.50 -7.12 -20.18
N VAL C 61 -43.19 -6.72 -18.95
CA VAL C 61 -43.95 -5.68 -18.27
C VAL C 61 -43.85 -4.38 -19.05
N GLY C 62 -45.00 -3.82 -19.41
CA GLY C 62 -45.03 -2.55 -20.12
C GLY C 62 -44.46 -2.59 -21.52
N ARG C 63 -44.57 -3.73 -22.21
CA ARG C 63 -43.94 -3.88 -23.51
C ARG C 63 -44.32 -2.76 -24.47
N SER C 64 -45.61 -2.42 -24.52
CA SER C 64 -46.08 -1.47 -25.52
C SER C 64 -45.48 -0.08 -25.33
N ILE C 65 -45.46 0.41 -24.08
CA ILE C 65 -44.91 1.75 -23.83
C ILE C 65 -43.39 1.73 -23.99
N LEU C 66 -42.74 0.63 -23.65
CA LEU C 66 -41.29 0.53 -23.86
C LEU C 66 -40.94 0.58 -25.34
N ILE C 67 -41.75 -0.07 -26.19
CA ILE C 67 -41.48 -0.04 -27.62
C ILE C 67 -41.69 1.38 -28.16
N ASP C 68 -42.74 2.06 -27.67
CA ASP C 68 -42.97 3.45 -28.02
C ASP C 68 -41.79 4.33 -27.64
N GLN C 69 -41.29 4.17 -26.41
CA GLN C 69 -40.20 5.01 -25.93
C GLN C 69 -38.90 4.69 -26.66
N LEU C 70 -38.66 3.41 -26.97
CA LEU C 70 -37.50 3.03 -27.77
C LEU C 70 -37.55 3.69 -29.14
N SER C 71 -38.72 3.64 -29.79
CA SER C 71 -38.86 4.25 -31.10
C SER C 71 -38.67 5.76 -31.02
N GLU C 72 -39.19 6.41 -29.97
CA GLU C 72 -39.00 7.84 -29.86
C GLU C 72 -37.55 8.19 -29.57
N ALA C 73 -36.88 7.39 -28.73
CA ALA C 73 -35.46 7.61 -28.49
C ALA C 73 -34.66 7.50 -29.79
N ARG C 74 -34.95 6.47 -30.59
CA ARG C 74 -34.24 6.31 -31.85
C ARG C 74 -34.50 7.48 -32.78
N GLN C 75 -35.74 7.98 -32.81
CA GLN C 75 -36.08 9.12 -33.66
C GLN C 75 -35.28 10.35 -33.24
N LEU C 76 -35.16 10.59 -31.92
CA LEU C 76 -34.43 11.76 -31.44
C LEU C 76 -32.95 11.64 -31.76
N ILE C 77 -32.38 10.44 -31.58
CA ILE C 77 -30.97 10.21 -31.90
C ILE C 77 -30.72 10.40 -33.39
N GLU C 78 -31.54 9.77 -34.23
CA GLU C 78 -31.33 9.84 -35.67
C GLU C 78 -31.48 11.26 -36.20
N LYS C 79 -32.32 12.07 -35.56
CA LYS C 79 -32.43 13.46 -35.96
C LYS C 79 -31.12 14.20 -35.77
N HIS C 80 -30.34 13.83 -34.75
CA HIS C 80 -29.09 14.51 -34.45
C HIS C 80 -27.87 13.84 -35.06
N THR C 81 -28.02 12.64 -35.69
CA THR C 81 -26.94 11.76 -36.19
C THR C 81 -25.61 12.03 -35.48
N PRO C 82 -25.54 11.82 -34.17
CA PRO C 82 -24.41 12.35 -33.38
C PRO C 82 -23.20 11.46 -33.35
N ASP C 83 -22.03 12.09 -33.18
CA ASP C 83 -20.79 11.35 -33.01
C ASP C 83 -20.67 10.75 -31.62
N SER C 84 -21.38 11.29 -30.64
CA SER C 84 -21.27 10.80 -29.26
C SER C 84 -22.58 11.12 -28.53
N LEU C 85 -22.82 10.36 -27.46
CA LEU C 85 -24.09 10.38 -26.76
C LEU C 85 -23.84 10.27 -25.27
N VAL C 86 -24.55 11.09 -24.50
CA VAL C 86 -24.63 10.95 -23.03
C VAL C 86 -26.10 10.71 -22.70
N VAL C 87 -26.39 9.60 -22.04
CA VAL C 87 -27.77 9.20 -21.75
C VAL C 87 -27.99 9.23 -20.25
N LEU C 88 -28.94 10.04 -19.80
CA LEU C 88 -29.25 10.12 -18.37
C LEU C 88 -30.55 9.37 -18.12
N GLY C 89 -30.43 8.09 -17.75
CA GLY C 89 -31.56 7.27 -17.44
C GLY C 89 -32.01 7.49 -16.00
N GLY C 90 -33.01 6.73 -15.56
CA GLY C 90 -33.67 5.71 -16.36
C GLY C 90 -33.12 4.31 -16.14
N ASP C 91 -33.94 3.27 -16.32
CA ASP C 91 -33.44 1.91 -16.15
C ASP C 91 -32.50 1.53 -17.29
N CYS C 92 -31.82 0.39 -17.16
CA CYS C 92 -30.71 0.08 -18.08
C CYS C 92 -31.16 -0.05 -19.53
N LEU C 93 -32.43 -0.37 -19.78
CA LEU C 93 -32.87 -0.49 -21.16
C LEU C 93 -32.76 0.82 -21.95
N VAL C 94 -32.56 1.95 -21.28
CA VAL C 94 -32.37 3.20 -22.02
C VAL C 94 -31.16 3.15 -22.95
N SER C 95 -30.20 2.24 -22.72
CA SER C 95 -29.03 2.24 -23.59
C SER C 95 -29.26 1.57 -24.95
N LEU C 96 -30.43 0.96 -25.18
CA LEU C 96 -30.62 0.15 -26.38
C LEU C 96 -30.48 1.00 -27.64
N ALA C 97 -31.27 2.06 -27.78
CA ALA C 97 -31.20 2.84 -29.01
C ALA C 97 -29.89 3.62 -29.10
N PRO C 98 -29.44 4.27 -28.01
CA PRO C 98 -28.13 4.96 -28.07
C PRO C 98 -26.99 4.06 -28.51
N PHE C 99 -26.85 2.87 -27.89
CA PHE C 99 -25.70 2.03 -28.23
C PHE C 99 -25.88 1.37 -29.58
N SER C 100 -27.14 1.14 -30.00
CA SER C 100 -27.41 0.64 -31.34
C SER C 100 -26.94 1.62 -32.40
N TRP C 101 -27.20 2.92 -32.17
CA TRP C 101 -26.69 3.95 -33.08
C TRP C 101 -25.16 3.96 -33.11
N LEU C 102 -24.54 3.91 -31.94
CA LEU C 102 -23.07 3.93 -31.92
C LEU C 102 -22.50 2.70 -32.62
N LEU C 103 -23.18 1.55 -32.53
CA LEU C 103 -22.75 0.36 -33.26
C LEU C 103 -22.86 0.58 -34.77
N GLU C 104 -23.95 1.19 -35.24
CA GLU C 104 -24.06 1.47 -36.67
C GLU C 104 -22.94 2.39 -37.16
N LYS C 105 -22.58 3.38 -36.35
CA LYS C 105 -21.57 4.37 -36.77
C LYS C 105 -20.16 3.80 -36.71
N TYR C 106 -19.79 3.12 -35.62
CA TYR C 106 -18.41 2.73 -35.38
C TYR C 106 -18.14 1.24 -35.64
N LYS C 107 -19.19 0.43 -35.74
CA LYS C 107 -19.14 -0.97 -36.16
C LYS C 107 -18.14 -1.73 -35.28
N ASP C 108 -17.25 -2.55 -35.86
CA ASP C 108 -16.38 -3.41 -35.07
C ASP C 108 -15.25 -2.65 -34.38
N LYS C 109 -15.13 -1.35 -34.60
CA LYS C 109 -14.13 -0.58 -33.86
C LYS C 109 -14.65 -0.11 -32.51
N LEU C 110 -15.93 -0.34 -32.23
CA LEU C 110 -16.54 0.01 -30.96
C LEU C 110 -16.43 -1.13 -29.97
N GLY C 111 -16.14 -0.79 -28.72
CA GLY C 111 -16.30 -1.71 -27.62
C GLY C 111 -17.36 -1.15 -26.68
N ILE C 112 -18.07 -2.05 -26.01
CA ILE C 112 -19.08 -1.69 -25.02
C ILE C 112 -18.54 -2.14 -23.66
N LEU C 113 -18.27 -1.16 -22.79
CA LEU C 113 -17.83 -1.40 -21.42
C LEU C 113 -19.07 -1.29 -20.55
N TRP C 114 -19.58 -2.44 -20.13
CA TRP C 114 -20.85 -2.54 -19.40
C TRP C 114 -20.51 -2.64 -17.92
N ILE C 115 -20.68 -1.53 -17.18
CA ILE C 115 -20.32 -1.45 -15.76
C ILE C 115 -21.60 -1.67 -14.94
N ASP C 116 -21.67 -2.80 -14.25
CA ASP C 116 -22.94 -3.29 -13.73
C ASP C 116 -22.65 -4.42 -12.75
N SER C 117 -23.49 -4.56 -11.73
CA SER C 117 -23.44 -5.76 -10.91
C SER C 117 -23.94 -6.97 -11.68
N HIS C 118 -24.77 -6.76 -12.70
CA HIS C 118 -25.48 -7.80 -13.42
C HIS C 118 -25.21 -7.68 -14.92
N PRO C 119 -25.30 -8.78 -15.67
CA PRO C 119 -24.93 -8.73 -17.09
C PRO C 119 -26.04 -8.27 -18.03
N ASP C 120 -27.29 -8.26 -17.58
CA ASP C 120 -28.42 -7.81 -18.41
C ASP C 120 -28.49 -8.58 -19.72
N VAL C 121 -28.36 -9.91 -19.63
CA VAL C 121 -28.46 -10.79 -20.78
C VAL C 121 -29.63 -11.76 -20.66
N GLN C 122 -30.53 -11.52 -19.72
CA GLN C 122 -31.71 -12.36 -19.65
C GLN C 122 -32.68 -12.03 -20.79
N THR C 123 -33.63 -12.93 -21.02
CA THR C 123 -34.67 -12.72 -22.02
C THR C 123 -36.03 -12.85 -21.33
N PRO C 124 -37.15 -12.56 -22.00
CA PRO C 124 -38.45 -12.72 -21.33
C PRO C 124 -38.69 -14.12 -20.79
N LYS C 125 -38.02 -15.14 -21.36
CA LYS C 125 -38.11 -16.49 -20.78
C LYS C 125 -37.68 -16.49 -19.32
N GLU C 126 -36.64 -15.74 -18.99
CA GLU C 126 -36.07 -15.76 -17.65
C GLU C 126 -36.64 -14.68 -16.73
N TYR C 127 -37.09 -13.55 -17.28
CA TYR C 127 -37.39 -12.41 -16.42
C TYR C 127 -38.25 -11.41 -17.18
N LYS C 128 -39.30 -10.91 -16.51
CA LYS C 128 -40.32 -10.09 -17.17
C LYS C 128 -39.98 -8.61 -17.22
N ASN C 129 -38.97 -8.15 -16.48
CA ASN C 129 -38.60 -6.74 -16.46
C ASN C 129 -37.47 -6.54 -17.47
N ALA C 130 -37.72 -5.70 -18.47
CA ALA C 130 -36.84 -5.62 -19.64
C ALA C 130 -35.50 -4.93 -19.36
N HIS C 131 -35.32 -4.28 -18.21
CA HIS C 131 -33.99 -3.72 -17.97
C HIS C 131 -32.93 -4.80 -17.77
N ALA C 132 -33.34 -6.06 -17.62
CA ALA C 132 -32.40 -7.16 -17.56
C ALA C 132 -32.11 -7.77 -18.92
N HIS C 133 -32.65 -7.21 -20.00
CA HIS C 133 -32.53 -7.80 -21.33
C HIS C 133 -31.57 -7.05 -22.25
N VAL C 134 -31.16 -5.84 -21.87
CA VAL C 134 -30.71 -4.87 -22.88
C VAL C 134 -29.35 -5.26 -23.48
N LEU C 135 -28.40 -5.76 -22.67
CA LEU C 135 -27.11 -6.07 -23.27
C LEU C 135 -27.22 -7.26 -24.21
N GLY C 136 -28.02 -8.26 -23.83
CA GLY C 136 -28.30 -9.35 -24.75
C GLY C 136 -28.94 -8.88 -26.05
N GLU C 137 -29.84 -7.88 -25.96
CA GLU C 137 -30.48 -7.38 -27.17
C GLU C 137 -29.49 -6.63 -28.05
N LEU C 138 -28.52 -5.94 -27.43
CA LEU C 138 -27.48 -5.29 -28.23
C LEU C 138 -26.65 -6.31 -29.00
N MET C 139 -26.55 -7.54 -28.49
CA MET C 139 -25.96 -8.65 -29.24
C MET C 139 -26.90 -9.25 -30.26
N GLY C 140 -28.13 -8.78 -30.35
CA GLY C 140 -29.09 -9.37 -31.26
C GLY C 140 -29.83 -10.57 -30.70
N ASN C 141 -29.70 -10.82 -29.40
CA ASN C 141 -30.31 -11.96 -28.73
C ASN C 141 -31.55 -11.52 -27.94
N GLY C 142 -32.62 -12.32 -28.04
CA GLY C 142 -33.77 -12.14 -27.19
C GLY C 142 -35.00 -11.73 -27.98
N ASP C 143 -35.85 -10.96 -27.32
CA ASP C 143 -37.17 -10.63 -27.84
C ASP C 143 -37.06 -9.82 -29.13
N SER C 144 -37.70 -10.34 -30.19
CA SER C 144 -37.52 -9.76 -31.51
C SER C 144 -38.14 -8.37 -31.64
N ASP C 145 -39.12 -8.01 -30.79
CA ASP C 145 -39.62 -6.65 -30.82
C ASP C 145 -38.49 -5.65 -30.58
N PHE C 146 -37.49 -6.05 -29.81
CA PHE C 146 -36.37 -5.18 -29.49
C PHE C 146 -35.15 -5.44 -30.37
N THR C 147 -34.80 -6.71 -30.61
CA THR C 147 -33.63 -6.99 -31.44
C THR C 147 -33.82 -6.55 -32.88
N ARG C 148 -35.06 -6.42 -33.35
CA ARG C 148 -35.29 -5.95 -34.72
C ARG C 148 -34.84 -4.51 -34.94
N THR C 149 -34.63 -3.75 -33.87
CA THR C 149 -34.16 -2.38 -33.99
C THR C 149 -32.65 -2.26 -34.01
N VAL C 150 -31.92 -3.36 -33.81
CA VAL C 150 -30.46 -3.34 -33.72
C VAL C 150 -29.91 -3.75 -35.09
N LYS C 151 -29.56 -2.75 -35.91
CA LYS C 151 -29.13 -3.03 -37.28
C LYS C 151 -27.73 -3.64 -37.33
N HIS C 152 -26.90 -3.35 -36.34
CA HIS C 152 -25.51 -3.84 -36.29
C HIS C 152 -25.27 -4.38 -34.88
N PRO C 153 -25.70 -5.61 -34.59
CA PRO C 153 -25.48 -6.16 -33.26
C PRO C 153 -23.99 -6.27 -32.95
N VAL C 154 -23.66 -6.09 -31.67
CA VAL C 154 -22.28 -6.14 -31.23
C VAL C 154 -21.84 -7.59 -31.11
N SER C 155 -20.60 -7.85 -31.51
CA SER C 155 -19.99 -9.14 -31.23
C SER C 155 -19.73 -9.27 -29.73
N PRO C 156 -19.97 -10.45 -29.15
CA PRO C 156 -19.57 -10.64 -27.75
C PRO C 156 -18.09 -10.44 -27.50
N GLN C 157 -17.24 -10.54 -28.53
CA GLN C 157 -15.82 -10.24 -28.37
C GLN C 157 -15.57 -8.76 -28.13
N LYS C 158 -16.54 -7.90 -28.45
CA LYS C 158 -16.38 -6.46 -28.28
C LYS C 158 -17.16 -5.94 -27.08
N ILE C 159 -17.43 -6.82 -26.10
CA ILE C 159 -18.09 -6.48 -24.85
C ILE C 159 -17.13 -6.78 -23.70
N MET C 160 -17.14 -5.92 -22.68
CA MET C 160 -16.49 -6.20 -21.41
C MET C 160 -17.48 -5.84 -20.31
N ILE C 161 -17.79 -6.79 -19.44
CA ILE C 161 -18.69 -6.52 -18.32
C ILE C 161 -17.83 -6.38 -17.07
N ALA C 162 -17.88 -5.20 -16.44
CA ALA C 162 -17.01 -4.86 -15.32
C ALA C 162 -17.85 -4.56 -14.09
N GLY C 163 -17.41 -5.09 -12.94
CA GLY C 163 -18.15 -4.95 -11.70
C GLY C 163 -19.06 -6.11 -11.41
N ILE C 164 -19.10 -7.11 -12.29
CA ILE C 164 -20.01 -8.24 -12.16
C ILE C 164 -19.41 -9.29 -11.24
N HIS C 165 -20.26 -9.92 -10.44
CA HIS C 165 -19.85 -10.94 -9.51
C HIS C 165 -21.09 -11.74 -9.13
N ASP C 166 -20.85 -12.93 -8.61
CA ASP C 166 -21.93 -13.85 -8.21
C ASP C 166 -23.02 -13.99 -9.27
N PRO C 167 -22.69 -14.30 -10.52
CA PRO C 167 -23.74 -14.40 -11.54
C PRO C 167 -24.65 -15.59 -11.28
N LEU C 168 -25.90 -15.48 -11.74
CA LEU C 168 -26.78 -16.63 -11.73
C LEU C 168 -26.26 -17.69 -12.70
N PRO C 169 -26.59 -18.97 -12.50
CA PRO C 169 -26.10 -20.02 -13.41
C PRO C 169 -26.38 -19.74 -14.88
N TYR C 170 -27.61 -19.32 -15.22
CA TYR C 170 -27.92 -18.96 -16.60
C TYR C 170 -26.92 -17.94 -17.13
N GLU C 171 -26.63 -16.92 -16.32
CA GLU C 171 -25.74 -15.85 -16.74
C GLU C 171 -24.31 -16.33 -16.87
N ALA C 172 -23.83 -17.15 -15.93
CA ALA C 172 -22.48 -17.68 -16.03
C ALA C 172 -22.33 -18.53 -17.28
N ASN C 173 -23.34 -19.35 -17.59
CA ASN C 173 -23.29 -20.15 -18.80
C ASN C 173 -23.33 -19.26 -20.04
N PHE C 174 -24.21 -18.27 -20.05
CA PHE C 174 -24.29 -17.36 -21.19
C PHE C 174 -22.94 -16.66 -21.43
N ILE C 175 -22.33 -16.14 -20.35
CA ILE C 175 -21.05 -15.46 -20.49
C ILE C 175 -19.97 -16.42 -20.95
N SER C 176 -19.94 -17.63 -20.40
CA SER C 176 -18.91 -18.58 -20.78
C SER C 176 -19.08 -19.04 -22.22
N GLU C 177 -20.31 -19.36 -22.60
CA GLU C 177 -20.56 -19.89 -23.94
C GLU C 177 -20.37 -18.84 -25.02
N HIS C 178 -20.63 -17.57 -24.70
CA HIS C 178 -20.42 -16.50 -25.67
C HIS C 178 -19.06 -15.85 -25.55
N LYS C 179 -18.23 -16.34 -24.62
CA LYS C 179 -16.86 -15.85 -24.42
C LYS C 179 -16.84 -14.34 -24.20
N ILE C 180 -17.77 -13.85 -23.40
CA ILE C 180 -17.79 -12.43 -23.05
C ILE C 180 -16.77 -12.18 -21.96
N GLN C 181 -15.89 -11.22 -22.19
CA GLN C 181 -14.88 -10.90 -21.19
C GLN C 181 -15.51 -10.18 -20.00
N THR C 182 -14.96 -10.44 -18.81
CA THR C 182 -15.47 -9.86 -17.58
C THR C 182 -14.31 -9.33 -16.75
N CYS C 183 -14.65 -8.41 -15.85
CA CYS C 183 -13.67 -7.84 -14.94
C CYS C 183 -14.41 -7.67 -13.61
N SER C 184 -14.12 -8.55 -12.64
CA SER C 184 -14.84 -8.53 -11.36
C SER C 184 -14.53 -7.24 -10.60
N PRO C 185 -15.32 -6.92 -9.55
CA PRO C 185 -14.98 -5.74 -8.74
C PRO C 185 -13.55 -5.76 -8.23
N GLU C 186 -13.06 -6.93 -7.84
CA GLU C 186 -11.71 -7.02 -7.29
C GLU C 186 -10.65 -6.92 -8.39
N GLN C 187 -10.95 -7.44 -9.58
CA GLN C 187 -10.06 -7.20 -10.71
C GLN C 187 -10.03 -5.73 -11.09
N VAL C 188 -11.16 -5.02 -10.96
CA VAL C 188 -11.14 -3.57 -11.15
C VAL C 188 -10.20 -2.92 -10.14
N ARG C 189 -10.34 -3.29 -8.87
CA ARG C 189 -9.57 -2.64 -7.81
C ARG C 189 -8.07 -2.88 -7.95
N SER C 190 -7.68 -4.02 -8.51
CA SER C 190 -6.26 -4.29 -8.68
C SER C 190 -5.69 -3.64 -9.93
N GLY C 191 -6.48 -2.90 -10.70
CA GLY C 191 -5.93 -2.13 -11.81
C GLY C 191 -6.63 -2.35 -13.14
N ALA C 192 -7.64 -3.22 -13.14
CA ALA C 192 -8.49 -3.44 -14.32
C ALA C 192 -7.67 -3.90 -15.51
N GLN C 193 -6.64 -4.71 -15.25
CA GLN C 193 -5.85 -5.29 -16.33
C GLN C 193 -6.70 -5.97 -17.40
N PRO C 194 -7.78 -6.71 -17.08
CA PRO C 194 -8.60 -7.28 -18.17
C PRO C 194 -9.13 -6.24 -19.13
N VAL C 195 -9.50 -5.06 -18.63
CA VAL C 195 -10.03 -4.01 -19.50
C VAL C 195 -8.95 -3.49 -20.41
N LEU C 196 -7.74 -3.28 -19.86
CA LEU C 196 -6.61 -2.82 -20.65
C LEU C 196 -6.26 -3.83 -21.75
N ASP C 197 -6.18 -5.10 -21.39
CA ASP C 197 -5.84 -6.14 -22.37
C ASP C 197 -6.90 -6.25 -23.45
N TRP C 198 -8.17 -6.12 -23.06
CA TRP C 198 -9.26 -6.27 -24.02
C TRP C 198 -9.25 -5.13 -25.03
N ILE C 199 -9.11 -3.88 -24.56
CA ILE C 199 -9.04 -2.77 -25.50
C ILE C 199 -7.84 -2.91 -26.44
N LYS C 200 -6.69 -3.37 -25.89
CA LYS C 200 -5.49 -3.53 -26.70
C LYS C 200 -5.65 -4.63 -27.73
N ASN C 201 -6.11 -5.81 -27.29
CA ASN C 201 -6.05 -7.00 -28.14
C ASN C 201 -7.19 -7.04 -29.16
N GLU C 202 -8.39 -6.61 -28.77
CA GLU C 202 -9.48 -6.48 -29.72
C GLU C 202 -9.35 -5.22 -30.56
N LYS C 203 -8.41 -4.33 -30.22
CA LYS C 203 -8.18 -3.10 -30.98
C LYS C 203 -9.43 -2.23 -30.96
N ILE C 204 -9.93 -2.00 -29.75
CA ILE C 204 -11.11 -1.15 -29.54
C ILE C 204 -10.69 0.30 -29.69
N GLU C 205 -11.23 0.99 -30.68
CA GLU C 205 -10.86 2.39 -30.90
C GLU C 205 -11.84 3.38 -30.30
N TYR C 206 -13.11 3.02 -30.22
CA TYR C 206 -14.16 3.87 -29.67
C TYR C 206 -14.90 3.09 -28.59
N LEU C 207 -15.39 3.81 -27.57
CA LEU C 207 -15.89 3.14 -26.37
C LEU C 207 -17.25 3.66 -25.97
N ALA C 208 -18.22 2.76 -25.79
CA ALA C 208 -19.51 3.11 -25.20
C ALA C 208 -19.53 2.56 -23.78
N ILE C 209 -19.65 3.45 -22.79
CA ILE C 209 -19.60 3.07 -21.38
C ILE C 209 -21.01 3.13 -20.82
N HIS C 210 -21.50 2.00 -20.30
CA HIS C 210 -22.77 1.95 -19.59
C HIS C 210 -22.46 1.83 -18.10
N ILE C 211 -22.95 2.77 -17.30
CA ILE C 211 -22.77 2.69 -15.85
C ILE C 211 -24.15 2.45 -15.24
N ASP C 212 -24.39 1.22 -14.81
CA ASP C 212 -25.52 0.91 -13.94
C ASP C 212 -25.09 1.24 -12.51
N LEU C 213 -25.75 2.22 -11.90
CA LEU C 213 -25.31 2.67 -10.58
C LEU C 213 -25.40 1.57 -9.53
N ASP C 214 -26.14 0.48 -9.78
CA ASP C 214 -26.17 -0.61 -8.78
C ASP C 214 -24.88 -1.43 -8.79
N VAL C 215 -23.89 -1.04 -9.61
CA VAL C 215 -22.53 -1.53 -9.41
C VAL C 215 -21.94 -1.01 -8.09
N LEU C 216 -22.51 0.05 -7.53
CA LEU C 216 -22.01 0.70 -6.32
C LEU C 216 -22.53 0.02 -5.07
N ASP C 217 -21.66 -0.11 -4.07
CA ASP C 217 -22.02 -0.72 -2.80
C ASP C 217 -23.10 0.11 -2.12
N PRO C 218 -24.27 -0.48 -1.81
CA PRO C 218 -25.37 0.34 -1.26
C PRO C 218 -25.11 0.83 0.15
N HIS C 219 -24.12 0.29 0.85
CA HIS C 219 -23.78 0.81 2.17
C HIS C 219 -23.18 2.20 2.07
N ASN C 220 -22.57 2.54 0.93
CA ASN C 220 -21.89 3.81 0.76
C ASN C 220 -22.56 4.74 -0.25
N PHE C 221 -23.41 4.22 -1.12
CA PHE C 221 -24.21 5.05 -2.02
C PHE C 221 -25.65 4.56 -1.92
N ARG C 222 -26.52 5.37 -1.31
CA ARG C 222 -27.85 4.90 -0.89
C ARG C 222 -28.95 5.26 -1.86
N SER C 223 -28.63 5.50 -3.13
CA SER C 223 -29.63 5.85 -4.14
C SER C 223 -29.64 4.83 -5.27
N VAL C 224 -29.58 3.55 -4.89
CA VAL C 224 -29.73 2.42 -5.79
C VAL C 224 -30.78 1.49 -5.19
N LEU C 225 -31.25 0.54 -6.00
CA LEU C 225 -32.30 -0.39 -5.58
C LEU C 225 -31.97 -1.07 -4.26
N PHE C 226 -30.74 -1.53 -4.11
CA PHE C 226 -30.33 -2.33 -2.96
C PHE C 226 -30.13 -1.50 -1.70
N ALA C 227 -30.36 -0.19 -1.75
CA ALA C 227 -30.36 0.64 -0.55
C ALA C 227 -31.75 1.09 -0.16
N LYS C 228 -32.79 0.40 -0.65
CA LYS C 228 -34.15 0.79 -0.31
C LYS C 228 -34.34 0.76 1.21
N PRO C 229 -34.79 1.85 1.82
CA PRO C 229 -34.97 1.86 3.28
C PRO C 229 -35.94 0.77 3.74
N GLY C 230 -35.61 0.15 4.87
CA GLY C 230 -36.46 -0.88 5.43
C GLY C 230 -36.40 -2.21 4.74
N ARG C 231 -35.47 -2.40 3.80
CA ARG C 231 -35.34 -3.68 3.14
C ARG C 231 -34.84 -4.76 4.10
N GLY C 232 -35.15 -6.01 3.74
CA GLY C 232 -34.55 -7.15 4.39
C GLY C 232 -33.44 -7.77 3.54
N GLN C 233 -32.88 -8.86 4.06
CA GLN C 233 -31.77 -9.53 3.41
C GLN C 233 -32.13 -10.03 2.01
N HIS C 234 -33.31 -10.63 1.85
CA HIS C 234 -33.64 -11.43 0.68
C HIS C 234 -34.61 -10.73 -0.26
N ASP C 235 -34.87 -9.44 -0.07
CA ASP C 235 -35.92 -8.75 -0.81
C ASP C 235 -35.74 -8.85 -2.31
N PHE C 236 -34.51 -8.99 -2.77
CA PHE C 236 -34.19 -9.00 -4.20
C PHE C 236 -33.72 -10.38 -4.66
N GLY C 237 -34.16 -11.43 -3.97
CA GLY C 237 -33.84 -12.78 -4.38
C GLY C 237 -32.38 -13.15 -4.25
N ASP C 238 -31.62 -12.42 -3.42
CA ASP C 238 -30.20 -12.67 -3.22
C ASP C 238 -29.40 -12.56 -4.51
N VAL C 239 -29.89 -11.73 -5.44
CA VAL C 239 -29.06 -11.38 -6.59
C VAL C 239 -27.85 -10.59 -6.11
N ALA C 240 -26.79 -10.57 -6.93
CA ALA C 240 -25.59 -9.82 -6.59
C ALA C 240 -25.91 -8.36 -6.33
N GLU C 241 -25.23 -7.76 -5.36
CA GLU C 241 -25.38 -6.34 -5.07
C GLU C 241 -24.05 -5.64 -5.29
N GLY C 242 -24.08 -4.31 -5.35
CA GLY C 242 -22.89 -3.57 -5.71
C GLY C 242 -21.74 -3.78 -4.73
N LYS C 243 -20.52 -3.85 -5.27
CA LYS C 243 -19.34 -3.96 -4.43
C LYS C 243 -18.27 -2.90 -4.69
N LEU C 244 -18.45 -2.05 -5.71
CA LEU C 244 -17.51 -0.97 -5.95
C LEU C 244 -18.02 0.31 -5.29
N ASN C 245 -17.12 1.27 -5.17
CA ASN C 245 -17.49 2.60 -4.71
C ASN C 245 -17.23 3.60 -5.83
N ILE C 246 -17.73 4.82 -5.63
CA ILE C 246 -17.67 5.83 -6.69
C ILE C 246 -16.24 6.07 -7.18
N PRO C 247 -15.23 6.23 -6.34
CA PRO C 247 -13.88 6.44 -6.88
C PRO C 247 -13.38 5.30 -7.74
N ASP C 248 -13.78 4.06 -7.43
CA ASP C 248 -13.37 2.93 -8.26
C ASP C 248 -13.98 3.03 -9.65
N VAL C 249 -15.26 3.40 -9.73
CA VAL C 249 -15.93 3.54 -11.01
C VAL C 249 -15.36 4.72 -11.80
N VAL C 250 -15.12 5.85 -11.14
CA VAL C 250 -14.54 7.01 -11.84
C VAL C 250 -13.17 6.66 -12.42
N LYS C 251 -12.32 6.05 -11.60
CA LYS C 251 -11.00 5.65 -12.08
C LYS C 251 -11.10 4.68 -13.24
N LEU C 252 -11.99 3.69 -13.13
CA LEU C 252 -12.14 2.70 -14.19
C LEU C 252 -12.58 3.36 -15.49
N ALA C 253 -13.60 4.21 -15.42
CA ALA C 253 -14.09 4.91 -16.61
C ALA C 253 -13.00 5.76 -17.24
N ASN C 254 -12.25 6.47 -16.41
CA ASN C 254 -11.21 7.34 -16.96
C ASN C 254 -10.03 6.53 -17.49
N GLN C 255 -9.70 5.41 -16.85
CA GLN C 255 -8.71 4.48 -17.41
C GLN C 255 -9.09 4.07 -18.83
N ALA C 256 -10.31 3.58 -19.00
CA ALA C 256 -10.75 3.08 -20.30
C ALA C 256 -10.84 4.21 -21.31
N ALA C 257 -11.34 5.38 -20.89
CA ALA C 257 -11.43 6.54 -21.79
C ALA C 257 -10.06 7.15 -22.11
N SER C 258 -9.00 6.78 -21.38
CA SER C 258 -7.66 7.24 -21.69
C SER C 258 -6.97 6.39 -22.75
N ILE C 259 -7.47 5.21 -23.04
CA ILE C 259 -6.84 4.31 -24.00
C ILE C 259 -7.77 4.00 -25.18
N SER C 260 -8.89 4.71 -25.29
CA SER C 260 -9.83 4.59 -26.38
C SER C 260 -10.64 5.88 -26.37
N LYS C 261 -11.36 6.15 -27.46
CA LYS C 261 -12.13 7.38 -27.56
C LYS C 261 -13.56 7.13 -27.07
N ALA C 262 -13.91 7.72 -25.93
CA ALA C 262 -15.26 7.56 -25.38
C ALA C 262 -16.28 8.26 -26.27
N VAL C 263 -17.28 7.52 -26.76
CA VAL C 263 -18.35 8.07 -27.58
C VAL C 263 -19.73 7.83 -27.00
N GLY C 264 -19.84 7.01 -25.96
CA GLY C 264 -21.11 6.87 -25.27
C GLY C 264 -20.91 6.78 -23.78
N LEU C 265 -21.80 7.41 -23.03
CA LEU C 265 -21.86 7.25 -21.58
C LEU C 265 -23.33 7.22 -21.17
N THR C 266 -23.75 6.13 -20.54
CA THR C 266 -25.08 6.06 -19.94
C THR C 266 -24.92 5.97 -18.43
N ILE C 267 -25.74 6.73 -17.70
CA ILE C 267 -25.87 6.61 -16.25
C ILE C 267 -27.28 6.09 -15.97
N ALA C 268 -27.38 4.86 -15.48
CA ALA C 268 -28.67 4.20 -15.35
C ALA C 268 -28.93 3.77 -13.91
N GLU C 269 -30.23 3.59 -13.62
CA GLU C 269 -30.76 2.95 -12.42
C GLU C 269 -30.66 3.79 -11.16
N HIS C 270 -30.58 5.12 -11.29
CA HIS C 270 -30.66 6.00 -10.14
C HIS C 270 -32.02 5.88 -9.47
N LEU C 271 -32.02 5.55 -8.18
CA LEU C 271 -33.25 5.38 -7.40
C LEU C 271 -33.09 6.17 -6.10
N PRO C 272 -33.36 7.46 -6.13
CA PRO C 272 -33.08 8.34 -4.98
C PRO C 272 -34.17 8.30 -3.91
N TRP C 273 -34.08 7.27 -3.06
CA TRP C 273 -35.13 7.03 -2.06
C TRP C 273 -35.36 8.22 -1.15
N ASP C 274 -34.28 8.82 -0.63
CA ASP C 274 -34.43 9.94 0.28
C ASP C 274 -35.10 11.11 -0.42
N ALA C 275 -34.69 11.42 -1.65
CA ALA C 275 -35.30 12.51 -2.38
C ALA C 275 -36.79 12.25 -2.63
N LEU C 276 -37.14 11.01 -2.98
CA LEU C 276 -38.54 10.64 -3.18
C LEU C 276 -39.33 10.80 -1.88
N ASN C 277 -38.78 10.30 -0.77
CA ASN C 277 -39.51 10.36 0.49
C ASN C 277 -39.62 11.80 0.98
N LEU C 278 -38.59 12.63 0.74
CA LEU C 278 -38.67 14.04 1.10
C LEU C 278 -39.72 14.76 0.24
N LYS C 279 -39.70 14.52 -1.07
CA LYS C 279 -40.70 15.11 -1.95
C LYS C 279 -42.11 14.83 -1.46
N ASN C 280 -42.36 13.57 -1.09
CA ASN C 280 -43.71 13.20 -0.64
C ASN C 280 -44.04 13.82 0.70
N MET C 281 -43.04 13.94 1.58
CA MET C 281 -43.26 14.57 2.88
C MET C 281 -43.70 16.01 2.72
N LEU C 282 -43.05 16.74 1.81
CA LEU C 282 -43.37 18.16 1.64
C LEU C 282 -44.77 18.37 1.10
N GLU C 283 -45.23 17.46 0.21
CA GLU C 283 -46.59 17.57 -0.29
C GLU C 283 -47.63 17.40 0.80
N GLU C 284 -47.29 16.75 1.91
CA GLU C 284 -48.22 16.44 2.98
C GLU C 284 -48.13 17.38 4.18
N LEU C 285 -47.18 18.30 4.18
CA LEU C 285 -47.00 19.17 5.35
C LEU C 285 -47.87 20.41 5.26
N PRO C 286 -48.18 21.04 6.40
CA PRO C 286 -48.91 22.32 6.36
C PRO C 286 -48.13 23.42 5.66
N LEU C 287 -48.87 24.39 5.11
CA LEU C 287 -48.33 25.64 4.55
C LEU C 287 -47.64 25.44 3.21
N ILE C 288 -46.68 24.51 3.15
CA ILE C 288 -46.01 24.23 1.89
C ILE C 288 -46.82 23.22 1.06
N GLY C 289 -47.55 22.31 1.71
CA GLY C 289 -48.22 21.23 1.01
C GLY C 289 -49.74 21.36 0.98
N ILE D 4 27.38 -12.70 52.22
CA ILE D 4 27.47 -12.45 50.77
C ILE D 4 26.28 -11.65 50.29
N ASN D 5 26.43 -11.04 49.11
CA ASN D 5 25.36 -10.27 48.51
C ASN D 5 24.22 -11.18 48.10
N LYS D 6 23.01 -10.82 48.52
CA LYS D 6 21.83 -11.63 48.26
C LYS D 6 20.88 -10.84 47.37
N PRO D 7 20.85 -11.08 46.07
CA PRO D 7 19.90 -10.37 45.22
C PRO D 7 18.55 -11.06 45.22
N LEU D 8 17.51 -10.27 44.97
CA LEU D 8 16.16 -10.79 44.79
C LEU D 8 15.51 -10.11 43.59
N ARG D 9 14.99 -10.92 42.67
CA ARG D 9 14.14 -10.42 41.59
C ARG D 9 12.69 -10.64 42.01
N LEU D 10 11.91 -9.56 42.02
CA LEU D 10 10.51 -9.61 42.44
C LEU D 10 9.67 -9.34 41.21
N ILE D 11 8.95 -10.37 40.74
CA ILE D 11 7.98 -10.17 39.67
C ILE D 11 6.69 -9.71 40.31
N PHE D 12 6.20 -8.55 39.90
CA PHE D 12 5.13 -7.86 40.64
C PHE D 12 4.11 -7.32 39.64
N PRO D 13 3.18 -8.19 39.18
CA PRO D 13 2.27 -7.81 38.09
C PRO D 13 1.06 -7.00 38.55
N GLN D 14 1.32 -6.05 39.44
CA GLN D 14 0.26 -5.18 39.97
C GLN D 14 -0.28 -4.27 38.87
N TRP D 15 -1.60 -4.22 38.75
CA TRP D 15 -2.26 -3.39 37.77
C TRP D 15 -3.28 -2.44 38.38
N GLN D 16 -3.58 -2.59 39.68
CA GLN D 16 -4.64 -1.81 40.31
C GLN D 16 -4.17 -0.41 40.70
N GLY D 17 -2.87 -0.21 40.88
CA GLY D 17 -2.37 1.12 41.22
C GLY D 17 -2.59 2.12 40.10
N GLY D 18 -2.52 1.66 38.86
CA GLY D 18 -2.85 2.46 37.71
C GLY D 18 -4.21 2.15 37.11
N ASP D 19 -4.99 1.31 37.76
CA ASP D 19 -6.32 0.87 37.32
C ASP D 19 -6.33 0.58 35.81
N ASN D 20 -5.47 -0.34 35.40
CA ASN D 20 -5.31 -0.65 33.98
C ASN D 20 -4.90 -2.09 33.82
N PRO D 21 -5.84 -2.99 33.48
CA PRO D 21 -5.56 -4.44 33.40
C PRO D 21 -4.30 -4.82 32.63
N PRO D 22 -3.97 -4.17 31.50
CA PRO D 22 -2.80 -4.63 30.72
C PRO D 22 -1.46 -4.55 31.44
N TYR D 23 -1.36 -3.90 32.61
CA TYR D 23 -0.11 -3.94 33.35
C TYR D 23 0.24 -5.35 33.77
N TYR D 24 -0.76 -6.21 34.01
CA TYR D 24 -0.48 -7.59 34.39
C TYR D 24 0.32 -8.31 33.30
N LEU D 25 -0.20 -8.31 32.06
CA LEU D 25 0.55 -8.86 30.94
C LEU D 25 1.90 -8.17 30.77
N GLY D 26 1.93 -6.85 30.97
CA GLY D 26 3.17 -6.10 30.86
C GLY D 26 4.26 -6.61 31.78
N SER D 27 3.89 -6.97 33.03
CA SER D 27 4.85 -7.50 33.98
C SER D 27 5.32 -8.90 33.56
N GLN D 28 4.38 -9.78 33.21
CA GLN D 28 4.75 -11.13 32.78
C GLN D 28 5.66 -11.08 31.56
N LEU D 29 5.36 -10.20 30.61
CA LEU D 29 6.18 -10.08 29.40
C LEU D 29 7.57 -9.55 29.74
N LEU D 30 7.64 -8.55 30.62
CA LEU D 30 8.93 -8.06 31.07
C LEU D 30 9.77 -9.16 31.71
N ALA D 31 9.15 -9.99 32.55
CA ALA D 31 9.86 -11.13 33.14
C ALA D 31 10.40 -12.07 32.07
N TRP D 32 9.61 -12.31 31.02
CA TRP D 32 10.04 -13.21 29.96
C TRP D 32 11.18 -12.59 29.13
N LEU D 33 11.15 -11.26 28.93
CA LEU D 33 12.16 -10.59 28.12
C LEU D 33 13.47 -10.37 28.88
N SER D 34 13.45 -10.46 30.20
CA SER D 34 14.62 -10.09 30.99
C SER D 34 15.71 -11.16 30.87
N PRO D 35 16.96 -10.78 31.08
CA PRO D 35 18.02 -11.80 31.18
C PRO D 35 17.76 -12.72 32.37
N ASP D 36 18.45 -13.86 32.38
CA ASP D 36 18.27 -14.83 33.45
C ASP D 36 18.63 -14.19 34.80
N PRO D 37 17.89 -14.51 35.86
CA PRO D 37 18.20 -13.92 37.17
C PRO D 37 19.46 -14.51 37.81
N LYS D 38 20.12 -13.67 38.60
CA LYS D 38 21.39 -14.01 39.24
C LYS D 38 21.16 -14.70 40.56
N GLY D 39 20.07 -14.38 41.23
CA GLY D 39 19.80 -14.93 42.53
C GLY D 39 18.39 -15.43 42.67
N ALA D 40 17.74 -15.03 43.75
CA ALA D 40 16.40 -15.55 44.03
C ALA D 40 15.35 -14.83 43.19
N VAL D 41 14.22 -15.50 42.98
CA VAL D 41 13.08 -14.94 42.26
C VAL D 41 11.82 -15.26 43.05
N GLU D 42 11.03 -14.24 43.33
CA GLU D 42 9.70 -14.42 43.88
C GLU D 42 8.72 -13.65 43.00
N GLU D 43 7.48 -14.12 42.95
CA GLU D 43 6.39 -13.44 42.26
C GLU D 43 5.31 -13.08 43.28
N VAL D 44 4.94 -11.82 43.33
CA VAL D 44 3.85 -11.40 44.22
C VAL D 44 2.52 -11.91 43.65
N PRO D 45 1.72 -12.63 44.43
CA PRO D 45 0.38 -13.02 43.95
C PRO D 45 -0.48 -11.78 43.73
N VAL D 46 -0.94 -11.62 42.50
CA VAL D 46 -1.84 -10.55 42.09
C VAL D 46 -3.01 -11.20 41.38
N PRO D 47 -4.26 -10.93 41.76
CA PRO D 47 -5.39 -11.49 41.01
C PRO D 47 -5.38 -10.97 39.58
N LYS D 48 -5.59 -11.88 38.64
CA LYS D 48 -5.69 -11.47 37.24
C LYS D 48 -6.91 -10.56 37.06
N PRO D 49 -6.83 -9.60 36.16
CA PRO D 49 -8.02 -8.77 35.89
C PRO D 49 -9.14 -9.63 35.32
N THR D 50 -10.33 -9.42 35.85
CA THR D 50 -11.49 -10.22 35.46
C THR D 50 -12.51 -9.42 34.66
N GLY D 51 -12.25 -8.13 34.43
CA GLY D 51 -13.23 -7.27 33.83
C GLY D 51 -14.20 -6.65 34.82
N GLU D 52 -14.27 -7.17 36.03
CA GLU D 52 -15.02 -6.52 37.09
C GLU D 52 -14.31 -5.24 37.48
N PRO D 53 -14.95 -4.08 37.37
CA PRO D 53 -14.24 -2.81 37.61
C PRO D 53 -13.83 -2.64 39.06
N LEU D 54 -12.64 -2.09 39.27
CA LEU D 54 -12.23 -1.72 40.61
C LEU D 54 -13.03 -0.52 41.08
N GLN D 55 -13.09 -0.36 42.40
CA GLN D 55 -13.85 0.71 43.01
C GLN D 55 -12.92 1.64 43.77
N GLU D 56 -13.32 2.90 43.85
CA GLU D 56 -12.65 3.86 44.72
C GLU D 56 -13.01 3.56 46.17
N GLU D 57 -12.00 3.42 47.02
CA GLU D 57 -12.17 3.07 48.43
C GLU D 57 -11.48 4.14 49.26
N ASN D 58 -12.27 5.06 49.82
CA ASN D 58 -11.75 6.19 50.61
C ASN D 58 -10.66 6.93 49.84
N GLY D 59 -10.96 7.25 48.57
CA GLY D 59 -10.10 8.06 47.77
C GLY D 59 -9.07 7.32 46.95
N ILE D 60 -8.92 6.00 47.14
CA ILE D 60 -7.92 5.22 46.39
C ILE D 60 -8.62 4.06 45.69
N VAL D 61 -8.46 3.99 44.38
CA VAL D 61 -9.00 2.87 43.62
C VAL D 61 -8.28 1.59 44.02
N GLY D 62 -9.04 0.57 44.39
CA GLY D 62 -8.45 -0.70 44.76
C GLY D 62 -7.64 -0.69 46.04
N ARG D 63 -8.01 0.16 46.99
CA ARG D 63 -7.20 0.37 48.18
C ARG D 63 -6.87 -0.94 48.90
N SER D 64 -7.88 -1.76 49.18
CA SER D 64 -7.63 -2.91 50.05
C SER D 64 -6.72 -3.94 49.38
N ILE D 65 -6.90 -4.20 48.08
CA ILE D 65 -6.04 -5.19 47.44
C ILE D 65 -4.62 -4.64 47.29
N LEU D 66 -4.47 -3.32 47.13
CA LEU D 66 -3.13 -2.75 47.08
C LEU D 66 -2.42 -2.89 48.42
N ILE D 67 -3.15 -2.70 49.53
CA ILE D 67 -2.57 -2.91 50.85
C ILE D 67 -2.17 -4.36 51.03
N ASP D 68 -3.01 -5.29 50.57
CA ASP D 68 -2.69 -6.71 50.72
C ASP D 68 -1.47 -7.07 49.90
N GLN D 69 -1.37 -6.54 48.67
CA GLN D 69 -0.23 -6.85 47.82
C GLN D 69 1.05 -6.24 48.37
N LEU D 70 0.97 -5.02 48.91
CA LEU D 70 2.10 -4.40 49.60
C LEU D 70 2.57 -5.28 50.75
N SER D 71 1.65 -5.76 51.59
CA SER D 71 2.03 -6.60 52.71
C SER D 71 2.71 -7.88 52.24
N GLU D 72 2.15 -8.51 51.21
CA GLU D 72 2.73 -9.75 50.70
C GLU D 72 4.09 -9.51 50.05
N ALA D 73 4.23 -8.40 49.31
CA ALA D 73 5.53 -8.09 48.72
C ALA D 73 6.58 -7.89 49.81
N ARG D 74 6.21 -7.16 50.87
CA ARG D 74 7.11 -6.97 52.00
C ARG D 74 7.51 -8.33 52.60
N GLN D 75 6.55 -9.24 52.76
CA GLN D 75 6.87 -10.55 53.33
C GLN D 75 7.87 -11.29 52.46
N LEU D 76 7.68 -11.25 51.14
CA LEU D 76 8.59 -11.96 50.24
C LEU D 76 9.98 -11.36 50.27
N ILE D 77 10.08 -10.05 50.46
CA ILE D 77 11.38 -9.39 50.55
C ILE D 77 12.07 -9.79 51.86
N GLU D 78 11.34 -9.74 52.97
CA GLU D 78 11.96 -10.03 54.25
C GLU D 78 12.33 -11.50 54.37
N LYS D 79 11.70 -12.36 53.59
CA LYS D 79 12.09 -13.77 53.55
C LYS D 79 13.52 -13.95 53.07
N HIS D 80 13.98 -13.08 52.16
CA HIS D 80 15.30 -13.19 51.57
C HIS D 80 16.31 -12.19 52.13
N THR D 81 15.87 -11.24 52.96
CA THR D 81 16.62 -10.07 53.43
C THR D 81 17.68 -9.64 52.41
N PRO D 82 17.26 -9.27 51.20
CA PRO D 82 18.21 -9.06 50.11
C PRO D 82 18.99 -7.76 50.23
N ASP D 83 20.20 -7.77 49.70
CA ASP D 83 21.02 -6.57 49.62
C ASP D 83 20.76 -5.77 48.36
N SER D 84 20.13 -6.37 47.36
CA SER D 84 19.75 -5.66 46.16
C SER D 84 18.44 -6.26 45.64
N LEU D 85 17.70 -5.46 44.87
CA LEU D 85 16.35 -5.80 44.42
C LEU D 85 16.16 -5.36 42.98
N VAL D 86 15.67 -6.27 42.14
CA VAL D 86 15.21 -5.94 40.80
C VAL D 86 13.71 -6.21 40.80
N VAL D 87 12.91 -5.21 40.45
CA VAL D 87 11.46 -5.29 40.54
C VAL D 87 10.88 -5.15 39.15
N LEU D 88 10.19 -6.18 38.67
CA LEU D 88 9.59 -6.15 37.34
C LEU D 88 8.10 -5.93 37.54
N GLY D 89 7.70 -4.66 37.46
CA GLY D 89 6.30 -4.29 37.59
C GLY D 89 5.58 -4.42 36.25
N GLY D 90 4.31 -4.03 36.23
CA GLY D 90 3.59 -3.49 37.38
C GLY D 90 3.56 -1.97 37.33
N ASP D 91 2.51 -1.36 37.87
CA ASP D 91 2.46 0.10 37.95
C ASP D 91 3.49 0.62 38.97
N CYS D 92 3.67 1.96 39.01
CA CYS D 92 4.79 2.52 39.77
C CYS D 92 4.72 2.21 41.25
N LEU D 93 3.52 1.97 41.80
CA LEU D 93 3.42 1.68 43.22
C LEU D 93 4.16 0.41 43.62
N VAL D 94 4.57 -0.44 42.67
CA VAL D 94 5.32 -1.63 43.07
C VAL D 94 6.63 -1.28 43.75
N SER D 95 7.15 -0.07 43.57
CA SER D 95 8.42 0.24 44.22
C SER D 95 8.31 0.53 45.71
N LEU D 96 7.11 0.61 46.30
CA LEU D 96 6.97 1.07 47.68
C LEU D 96 7.69 0.14 48.67
N ALA D 97 7.34 -1.15 48.68
CA ALA D 97 8.00 -2.05 49.63
C ALA D 97 9.47 -2.27 49.28
N PRO D 98 9.84 -2.49 48.01
CA PRO D 98 11.27 -2.67 47.70
C PRO D 98 12.13 -1.47 48.08
N PHE D 99 11.69 -0.25 47.75
CA PHE D 99 12.54 0.90 48.07
C PHE D 99 12.51 1.21 49.56
N SER D 100 11.38 0.90 50.24
CA SER D 100 11.36 1.06 51.69
C SER D 100 12.34 0.13 52.38
N TRP D 101 12.43 -1.11 51.88
CA TRP D 101 13.42 -2.03 52.41
C TRP D 101 14.83 -1.51 52.19
N LEU D 102 15.12 -1.06 50.96
CA LEU D 102 16.44 -0.53 50.69
C LEU D 102 16.75 0.67 51.57
N LEU D 103 15.74 1.50 51.87
CA LEU D 103 15.95 2.62 52.77
C LEU D 103 16.22 2.14 54.19
N GLU D 104 15.54 1.08 54.63
CA GLU D 104 15.85 0.55 55.96
C GLU D 104 17.28 0.04 56.03
N LYS D 105 17.77 -0.55 54.93
CA LYS D 105 19.08 -1.18 54.93
C LYS D 105 20.20 -0.15 54.77
N TYR D 106 20.05 0.76 53.81
CA TYR D 106 21.13 1.67 53.46
C TYR D 106 20.93 3.08 54.03
N LYS D 107 19.74 3.39 54.52
CA LYS D 107 19.44 4.62 55.29
C LYS D 107 19.81 5.85 54.46
N ASP D 108 20.54 6.82 55.02
CA ASP D 108 20.77 8.06 54.31
C ASP D 108 21.94 7.98 53.31
N LYS D 109 22.55 6.80 53.15
CA LYS D 109 23.52 6.57 52.10
C LYS D 109 22.87 6.28 50.76
N LEU D 110 21.56 6.05 50.75
CA LEU D 110 20.81 5.70 49.54
C LEU D 110 20.30 6.95 48.85
N GLY D 111 20.45 7.01 47.53
CA GLY D 111 19.75 7.98 46.70
C GLY D 111 18.73 7.26 45.85
N ILE D 112 17.61 7.93 45.57
CA ILE D 112 16.56 7.42 44.71
C ILE D 112 16.56 8.23 43.43
N LEU D 113 16.91 7.57 42.32
CA LEU D 113 16.87 8.18 41.00
C LEU D 113 15.56 7.77 40.35
N TRP D 114 14.62 8.71 40.28
CA TRP D 114 13.24 8.45 39.84
C TRP D 114 13.14 8.90 38.38
N ILE D 115 13.15 7.95 37.46
CA ILE D 115 13.14 8.25 36.03
C ILE D 115 11.70 8.14 35.53
N ASP D 116 11.10 9.28 35.21
CA ASP D 116 9.65 9.32 35.06
C ASP D 116 9.30 10.64 34.38
N SER D 117 8.23 10.62 33.58
CA SER D 117 7.66 11.88 33.11
C SER D 117 6.99 12.65 34.23
N HIS D 118 6.62 11.97 35.32
CA HIS D 118 5.84 12.52 36.39
C HIS D 118 6.52 12.26 37.72
N PRO D 119 6.27 13.11 38.73
CA PRO D 119 6.96 12.96 40.01
C PRO D 119 6.35 11.95 40.98
N ASP D 120 5.10 11.51 40.77
CA ASP D 120 4.43 10.55 41.65
C ASP D 120 4.44 11.00 43.11
N VAL D 121 4.09 12.28 43.33
CA VAL D 121 4.02 12.83 44.67
C VAL D 121 2.61 13.28 45.04
N GLN D 122 1.63 12.97 44.20
CA GLN D 122 0.24 13.25 44.54
C GLN D 122 -0.22 12.37 45.71
N THR D 123 -1.34 12.77 46.31
CA THR D 123 -2.01 12.05 47.39
C THR D 123 -3.44 11.78 46.92
N PRO D 124 -4.25 11.02 47.66
CA PRO D 124 -5.64 10.80 47.21
C PRO D 124 -6.43 12.09 47.05
N LYS D 125 -6.02 13.17 47.71
CA LYS D 125 -6.69 14.45 47.52
C LYS D 125 -6.58 14.94 46.08
N GLU D 126 -5.48 14.61 45.40
CA GLU D 126 -5.27 15.08 44.04
C GLU D 126 -5.67 14.05 42.98
N TYR D 127 -5.56 12.76 43.27
CA TYR D 127 -5.68 11.73 42.25
C TYR D 127 -5.99 10.38 42.90
N LYS D 128 -6.96 9.66 42.33
CA LYS D 128 -7.47 8.45 42.97
C LYS D 128 -6.69 7.18 42.60
N ASN D 129 -5.78 7.23 41.63
CA ASN D 129 -4.98 6.07 41.24
C ASN D 129 -3.64 6.12 41.95
N ALA D 130 -3.38 5.13 42.81
CA ALA D 130 -2.26 5.17 43.75
C ALA D 130 -0.89 5.10 43.10
N HIS D 131 -0.77 4.75 41.81
CA HIS D 131 0.57 4.79 41.21
C HIS D 131 1.14 6.21 41.13
N ALA D 132 0.32 7.24 41.31
CA ALA D 132 0.77 8.63 41.34
C ALA D 132 1.19 9.07 42.74
N HIS D 133 1.18 8.17 43.72
CA HIS D 133 1.41 8.51 45.12
C HIS D 133 2.75 8.02 45.66
N VAL D 134 3.45 7.14 44.94
CA VAL D 134 4.43 6.26 45.59
C VAL D 134 5.69 7.00 46.02
N LEU D 135 6.18 7.94 45.19
CA LEU D 135 7.41 8.62 45.61
C LEU D 135 7.16 9.51 46.82
N GLY D 136 6.02 10.19 46.87
CA GLY D 136 5.67 10.94 48.07
C GLY D 136 5.57 10.07 49.30
N GLU D 137 5.01 8.87 49.15
CA GLU D 137 4.91 7.96 50.27
C GLU D 137 6.29 7.48 50.73
N LEU D 138 7.24 7.35 49.81
CA LEU D 138 8.59 6.98 50.21
C LEU D 138 9.25 8.08 51.03
N MET D 139 8.80 9.32 50.85
CA MET D 139 9.21 10.46 51.67
C MET D 139 8.48 10.53 52.99
N GLY D 140 7.53 9.63 53.24
CA GLY D 140 6.70 9.71 54.43
C GLY D 140 5.49 10.59 54.32
N ASN D 141 5.15 11.04 53.11
CA ASN D 141 4.04 11.96 52.88
C ASN D 141 2.83 11.20 52.31
N GLY D 142 1.65 11.62 52.73
CA GLY D 142 0.47 11.10 52.07
C GLY D 142 -0.32 10.12 52.91
N ASP D 143 -0.95 9.15 52.25
CA ASP D 143 -1.95 8.32 52.90
C ASP D 143 -1.33 7.38 53.91
N SER D 144 -1.91 7.37 55.11
CA SER D 144 -1.30 6.66 56.24
C SER D 144 -1.27 5.15 56.05
N ASP D 145 -2.20 4.56 55.29
CA ASP D 145 -2.13 3.12 55.08
C ASP D 145 -0.83 2.73 54.40
N PHE D 146 -0.26 3.63 53.62
CA PHE D 146 0.97 3.34 52.89
C PHE D 146 2.20 3.90 53.58
N THR D 147 2.14 5.13 54.09
CA THR D 147 3.30 5.72 54.77
C THR D 147 3.64 4.98 56.05
N ARG D 148 2.66 4.35 56.72
CA ARG D 148 2.95 3.64 57.96
C ARG D 148 3.93 2.50 57.75
N THR D 149 4.08 2.01 56.52
CA THR D 149 4.99 0.91 56.23
C THR D 149 6.43 1.39 55.92
N VAL D 150 6.67 2.70 55.91
CA VAL D 150 7.96 3.25 55.49
C VAL D 150 8.72 3.64 56.76
N LYS D 151 9.56 2.71 57.23
CA LYS D 151 10.24 2.89 58.51
C LYS D 151 11.30 3.97 58.45
N HIS D 152 11.96 4.12 57.30
CA HIS D 152 13.00 5.14 57.12
C HIS D 152 12.68 5.94 55.88
N PRO D 153 11.87 6.99 56.01
CA PRO D 153 11.54 7.81 54.85
C PRO D 153 12.77 8.46 54.25
N VAL D 154 12.80 8.54 52.91
CA VAL D 154 13.92 9.18 52.25
C VAL D 154 13.82 10.69 52.44
N SER D 155 14.94 11.33 52.76
CA SER D 155 14.95 12.78 52.79
C SER D 155 14.88 13.31 51.35
N PRO D 156 14.20 14.42 51.13
CA PRO D 156 14.01 14.90 49.76
C PRO D 156 15.30 15.26 49.05
N GLN D 157 16.38 15.61 49.77
CA GLN D 157 17.64 15.89 49.09
C GLN D 157 18.27 14.64 48.50
N LYS D 158 17.84 13.45 48.91
CA LYS D 158 18.35 12.20 48.35
C LYS D 158 17.45 11.66 47.24
N ILE D 159 16.62 12.52 46.63
CA ILE D 159 15.79 12.18 45.49
C ILE D 159 16.27 12.99 44.29
N MET D 160 16.29 12.35 43.11
CA MET D 160 16.50 13.07 41.86
C MET D 160 15.45 12.55 40.88
N ILE D 161 14.62 13.44 40.36
CA ILE D 161 13.59 13.07 39.39
C ILE D 161 14.09 13.49 38.01
N ALA D 162 14.32 12.50 37.14
CA ALA D 162 14.91 12.74 35.83
C ALA D 162 13.94 12.34 34.73
N GLY D 163 13.82 13.21 33.71
CA GLY D 163 12.86 13.03 32.65
C GLY D 163 11.57 13.79 32.84
N ILE D 164 11.42 14.51 33.95
CA ILE D 164 10.21 15.22 34.29
C ILE D 164 10.18 16.56 33.56
N HIS D 165 8.98 16.97 33.14
CA HIS D 165 8.79 18.26 32.51
C HIS D 165 7.31 18.60 32.63
N ASP D 166 7.00 19.89 32.51
CA ASP D 166 5.63 20.39 32.57
C ASP D 166 4.79 19.79 33.70
N PRO D 167 5.24 19.91 34.94
CA PRO D 167 4.47 19.35 36.07
C PRO D 167 3.18 20.14 36.31
N LEU D 168 2.24 19.47 36.97
CA LEU D 168 1.02 20.13 37.39
C LEU D 168 1.34 21.15 38.50
N PRO D 169 0.45 22.13 38.73
CA PRO D 169 0.75 23.13 39.77
C PRO D 169 0.98 22.54 41.16
N TYR D 170 0.15 21.59 41.61
CA TYR D 170 0.40 20.94 42.88
C TYR D 170 1.81 20.35 42.94
N GLU D 171 2.24 19.73 41.84
CA GLU D 171 3.53 19.04 41.83
C GLU D 171 4.69 20.01 41.82
N ALA D 172 4.57 21.09 41.03
CA ALA D 172 5.61 22.12 41.04
C ALA D 172 5.78 22.70 42.43
N ASN D 173 4.67 22.93 43.14
CA ASN D 173 4.76 23.44 44.50
C ASN D 173 5.39 22.42 45.43
N PHE D 174 4.99 21.15 45.31
CA PHE D 174 5.56 20.11 46.16
C PHE D 174 7.08 20.04 45.98
N ILE D 175 7.52 19.99 44.72
CA ILE D 175 8.95 19.89 44.42
C ILE D 175 9.69 21.12 44.93
N SER D 176 9.12 22.31 44.71
CA SER D 176 9.74 23.53 45.21
C SER D 176 9.81 23.56 46.74
N GLU D 177 8.69 23.24 47.40
CA GLU D 177 8.66 23.35 48.86
C GLU D 177 9.63 22.37 49.51
N HIS D 178 9.81 21.19 48.93
CA HIS D 178 10.69 20.19 49.50
C HIS D 178 12.10 20.23 48.90
N LYS D 179 12.35 21.14 47.97
CA LYS D 179 13.66 21.28 47.32
C LYS D 179 14.14 19.97 46.71
N ILE D 180 13.23 19.29 46.02
CA ILE D 180 13.57 18.05 45.32
C ILE D 180 14.27 18.40 44.01
N GLN D 181 15.44 17.80 43.80
CA GLN D 181 16.18 18.05 42.58
C GLN D 181 15.54 17.34 41.39
N THR D 182 15.59 17.99 40.23
CA THR D 182 15.04 17.44 38.99
C THR D 182 16.05 17.57 37.86
N CYS D 183 15.79 16.83 36.78
CA CYS D 183 16.60 16.86 35.57
C CYS D 183 15.66 16.69 34.38
N SER D 184 15.62 17.68 33.49
CA SER D 184 14.68 17.65 32.38
C SER D 184 15.13 16.69 31.29
N PRO D 185 14.21 16.27 30.39
CA PRO D 185 14.64 15.41 29.28
C PRO D 185 15.79 16.02 28.49
N GLU D 186 15.71 17.32 28.23
CA GLU D 186 16.78 18.02 27.51
C GLU D 186 18.11 17.92 28.27
N GLN D 187 18.06 18.08 29.58
CA GLN D 187 19.28 17.96 30.39
C GLN D 187 19.81 16.52 30.39
N VAL D 188 18.93 15.54 30.35
CA VAL D 188 19.38 14.15 30.22
C VAL D 188 20.13 13.97 28.92
N ARG D 189 19.55 14.45 27.81
CA ARG D 189 20.17 14.26 26.51
C ARG D 189 21.50 14.99 26.39
N SER D 190 21.69 16.09 27.11
CA SER D 190 22.94 16.83 27.04
C SER D 190 24.00 16.34 28.02
N GLY D 191 23.80 15.17 28.64
CA GLY D 191 24.80 14.59 29.52
C GLY D 191 24.36 14.34 30.94
N ALA D 192 23.12 14.70 31.30
CA ALA D 192 22.59 14.42 32.64
C ALA D 192 23.43 15.06 33.73
N GLN D 193 23.98 16.24 33.44
CA GLN D 193 24.81 16.92 34.44
C GLN D 193 24.11 17.10 35.78
N PRO D 194 22.81 17.42 35.87
CA PRO D 194 22.19 17.52 37.20
C PRO D 194 22.25 16.22 37.99
N VAL D 195 22.15 15.07 37.32
CA VAL D 195 22.16 13.81 38.05
C VAL D 195 23.56 13.51 38.57
N LEU D 196 24.57 13.68 37.72
CA LEU D 196 25.94 13.45 38.14
C LEU D 196 26.35 14.42 39.26
N ASP D 197 25.96 15.69 39.15
CA ASP D 197 26.24 16.66 40.20
C ASP D 197 25.59 16.25 41.52
N TRP D 198 24.36 15.73 41.44
CA TRP D 198 23.64 15.35 42.64
C TRP D 198 24.32 14.17 43.33
N ILE D 199 24.74 13.15 42.55
CA ILE D 199 25.46 12.02 43.15
C ILE D 199 26.73 12.51 43.83
N LYS D 200 27.45 13.42 43.19
CA LYS D 200 28.72 13.90 43.73
C LYS D 200 28.50 14.77 44.96
N ASN D 201 27.54 15.69 44.88
CA ASN D 201 27.34 16.68 45.94
C ASN D 201 26.66 16.08 47.17
N GLU D 202 25.69 15.20 46.98
CA GLU D 202 25.03 14.55 48.10
C GLU D 202 25.77 13.32 48.57
N LYS D 203 26.88 12.97 47.91
CA LYS D 203 27.68 11.82 48.27
C LYS D 203 26.81 10.56 48.34
N ILE D 204 26.03 10.37 47.27
CA ILE D 204 25.16 9.22 47.14
C ILE D 204 26.03 7.97 46.98
N GLU D 205 26.00 7.08 47.97
CA GLU D 205 26.85 5.88 47.94
C GLU D 205 26.15 4.69 47.30
N TYR D 206 24.87 4.49 47.60
CA TYR D 206 24.05 3.43 47.04
C TYR D 206 22.87 4.04 46.28
N LEU D 207 22.42 3.35 45.24
CA LEU D 207 21.46 3.92 44.31
C LEU D 207 20.31 2.96 44.05
N ALA D 208 19.07 3.45 44.25
CA ALA D 208 17.86 2.77 43.81
C ALA D 208 17.31 3.52 42.60
N ILE D 209 17.15 2.82 41.48
CA ILE D 209 16.73 3.42 40.21
C ILE D 209 15.32 2.92 39.90
N HIS D 210 14.37 3.85 39.77
CA HIS D 210 13.02 3.53 39.34
C HIS D 210 12.85 4.01 37.91
N ILE D 211 12.51 3.10 36.99
CA ILE D 211 12.27 3.50 35.61
C ILE D 211 10.79 3.32 35.33
N ASP D 212 10.07 4.44 35.25
CA ASP D 212 8.71 4.45 34.73
C ASP D 212 8.84 4.55 33.22
N LEU D 213 8.41 3.50 32.50
CA LEU D 213 8.61 3.50 31.07
C LEU D 213 7.89 4.66 30.37
N ASP D 214 6.93 5.33 31.00
CA ASP D 214 6.29 6.45 30.33
C ASP D 214 7.15 7.70 30.31
N VAL D 215 8.39 7.60 30.81
CA VAL D 215 9.39 8.61 30.49
C VAL D 215 9.75 8.57 29.01
N LEU D 216 9.41 7.48 28.32
CA LEU D 216 9.77 7.30 26.93
C LEU D 216 8.77 7.96 25.99
N ASP D 217 9.28 8.60 24.94
CA ASP D 217 8.47 9.20 23.90
C ASP D 217 7.59 8.13 23.27
N PRO D 218 6.27 8.24 23.34
CA PRO D 218 5.39 7.20 22.77
C PRO D 218 5.46 7.10 21.26
N HIS D 219 6.06 8.09 20.58
CA HIS D 219 6.26 7.96 19.14
C HIS D 219 7.28 6.89 18.79
N ASN D 220 8.23 6.62 19.71
CA ASN D 220 9.29 5.66 19.44
C ASN D 220 9.22 4.39 20.26
N PHE D 221 8.48 4.37 21.37
CA PHE D 221 8.26 3.16 22.17
C PHE D 221 6.77 3.08 22.44
N ARG D 222 6.11 2.06 21.88
CA ARG D 222 4.66 2.06 21.77
C ARG D 222 3.98 1.20 22.83
N SER D 223 4.68 0.87 23.92
CA SER D 223 4.12 0.04 24.97
C SER D 223 4.02 0.82 26.29
N VAL D 224 3.50 2.03 26.20
CA VAL D 224 3.21 2.87 27.36
C VAL D 224 1.80 3.42 27.20
N LEU D 225 1.28 3.97 28.29
CA LEU D 225 -0.09 4.50 28.30
C LEU D 225 -0.35 5.46 27.14
N PHE D 226 0.59 6.35 26.88
CA PHE D 226 0.42 7.41 25.90
C PHE D 226 0.58 6.93 24.46
N ALA D 227 0.86 5.65 24.24
CA ALA D 227 0.86 5.07 22.90
C ALA D 227 -0.34 4.16 22.67
N LYS D 228 -1.38 4.28 23.48
CA LYS D 228 -2.55 3.43 23.32
C LYS D 228 -3.14 3.62 21.92
N PRO D 229 -3.37 2.54 21.15
CA PRO D 229 -3.88 2.73 19.78
C PRO D 229 -5.22 3.47 19.81
N GLY D 230 -5.37 4.41 18.88
CA GLY D 230 -6.61 5.14 18.72
C GLY D 230 -6.82 6.29 19.66
N ARG D 231 -5.83 6.62 20.49
CA ARG D 231 -6.00 7.72 21.44
C ARG D 231 -6.21 9.03 20.71
N GLY D 232 -6.84 9.98 21.41
CA GLY D 232 -6.87 11.36 20.97
C GLY D 232 -5.84 12.19 21.73
N GLN D 233 -5.77 13.47 21.36
CA GLN D 233 -4.77 14.35 21.96
C GLN D 233 -5.02 14.58 23.45
N HIS D 234 -6.29 14.71 23.85
CA HIS D 234 -6.61 15.15 25.20
C HIS D 234 -7.14 14.04 26.10
N ASP D 235 -6.99 12.77 25.69
CA ASP D 235 -7.50 11.64 26.45
C ASP D 235 -6.91 11.54 27.84
N PHE D 236 -5.71 12.10 28.05
CA PHE D 236 -5.02 11.96 29.32
C PHE D 236 -4.91 13.28 30.07
N GLY D 237 -5.79 14.23 29.77
CA GLY D 237 -5.82 15.49 30.47
C GLY D 237 -4.71 16.44 30.12
N ASP D 238 -3.99 16.19 29.03
CA ASP D 238 -2.84 16.98 28.61
C ASP D 238 -1.72 16.95 29.64
N VAL D 239 -1.67 15.88 30.44
CA VAL D 239 -0.51 15.66 31.30
C VAL D 239 0.75 15.48 30.44
N ALA D 240 1.89 15.74 31.05
CA ALA D 240 3.17 15.54 30.38
C ALA D 240 3.30 14.12 29.86
N GLU D 241 3.84 13.99 28.64
CA GLU D 241 4.13 12.69 28.06
C GLU D 241 5.64 12.54 27.89
N GLY D 242 6.07 11.32 27.61
CA GLY D 242 7.49 11.01 27.58
C GLY D 242 8.20 11.72 26.45
N LYS D 243 9.47 12.09 26.71
CA LYS D 243 10.31 12.72 25.71
C LYS D 243 11.64 12.01 25.47
N LEU D 244 12.00 11.03 26.28
CA LEU D 244 13.27 10.34 26.12
C LEU D 244 13.11 9.11 25.24
N ASN D 245 14.24 8.61 24.72
CA ASN D 245 14.27 7.33 24.03
C ASN D 245 15.04 6.31 24.86
N ILE D 246 14.89 5.03 24.49
CA ILE D 246 15.52 3.95 25.26
C ILE D 246 17.02 4.16 25.40
N PRO D 247 17.78 4.54 24.36
CA PRO D 247 19.21 4.76 24.58
C PRO D 247 19.51 5.84 25.59
N ASP D 248 18.68 6.89 25.70
CA ASP D 248 18.89 7.92 26.70
C ASP D 248 18.77 7.36 28.11
N VAL D 249 17.78 6.48 28.32
CA VAL D 249 17.55 5.93 29.65
C VAL D 249 18.66 4.96 30.02
N VAL D 250 19.07 4.11 29.08
CA VAL D 250 20.16 3.18 29.34
C VAL D 250 21.44 3.95 29.70
N LYS D 251 21.74 5.01 28.95
CA LYS D 251 22.94 5.78 29.24
C LYS D 251 22.85 6.44 30.61
N LEU D 252 21.70 7.06 30.90
CA LEU D 252 21.49 7.71 32.18
C LEU D 252 21.70 6.73 33.34
N ALA D 253 21.05 5.57 33.28
CA ALA D 253 21.17 4.61 34.37
C ALA D 253 22.61 4.16 34.56
N ASN D 254 23.34 3.97 33.47
CA ASN D 254 24.71 3.50 33.54
C ASN D 254 25.68 4.59 33.96
N GLN D 255 25.42 5.84 33.56
CA GLN D 255 26.17 6.96 34.10
C GLN D 255 26.07 6.99 35.63
N ALA D 256 24.84 6.96 36.14
CA ALA D 256 24.65 7.04 37.58
C ALA D 256 25.28 5.84 38.29
N ALA D 257 25.09 4.63 37.74
CA ALA D 257 25.62 3.43 38.37
C ALA D 257 27.13 3.31 38.22
N SER D 258 27.76 4.16 37.42
CA SER D 258 29.20 4.16 37.33
C SER D 258 29.88 4.87 38.49
N ILE D 259 29.14 5.68 39.26
CA ILE D 259 29.77 6.47 40.33
C ILE D 259 28.96 6.31 41.61
N SER D 260 28.12 5.28 41.64
CA SER D 260 27.39 4.91 42.84
C SER D 260 27.04 3.43 42.70
N LYS D 261 26.77 2.78 43.83
CA LYS D 261 26.57 1.34 43.85
C LYS D 261 25.07 1.05 43.68
N ALA D 262 24.70 0.53 42.52
CA ALA D 262 23.29 0.24 42.26
C ALA D 262 22.83 -0.92 43.13
N VAL D 263 21.74 -0.71 43.88
CA VAL D 263 21.18 -1.76 44.74
C VAL D 263 19.69 -1.94 44.48
N GLY D 264 19.09 -1.08 43.67
CA GLY D 264 17.71 -1.28 43.29
C GLY D 264 17.42 -0.86 41.87
N LEU D 265 16.58 -1.64 41.18
CA LEU D 265 16.12 -1.29 39.84
C LEU D 265 14.68 -1.75 39.71
N THR D 266 13.77 -0.82 39.42
CA THR D 266 12.38 -1.15 39.11
C THR D 266 12.11 -0.76 37.67
N ILE D 267 11.44 -1.64 36.93
CA ILE D 267 10.92 -1.31 35.61
C ILE D 267 9.40 -1.33 35.72
N ALA D 268 8.76 -0.18 35.54
CA ALA D 268 7.33 -0.06 35.80
C ALA D 268 6.58 0.54 34.62
N GLU D 269 5.26 0.29 34.62
CA GLU D 269 4.26 0.89 33.74
C GLU D 269 4.31 0.36 32.30
N HIS D 270 4.84 -0.84 32.10
CA HIS D 270 4.77 -1.49 30.80
C HIS D 270 3.33 -1.80 30.44
N LEU D 271 2.86 -1.26 29.30
CA LEU D 271 1.51 -1.50 28.79
C LEU D 271 1.63 -1.96 27.35
N PRO D 272 1.85 -3.26 27.13
CA PRO D 272 2.14 -3.79 25.77
C PRO D 272 0.89 -4.01 24.93
N TRP D 273 0.40 -2.91 24.35
CA TRP D 273 -0.86 -2.96 23.61
C TRP D 273 -0.84 -3.99 22.49
N ASP D 274 0.25 -4.03 21.71
CA ASP D 274 0.32 -4.99 20.61
C ASP D 274 0.32 -6.42 21.11
N ALA D 275 1.07 -6.71 22.17
CA ALA D 275 1.09 -8.06 22.70
C ALA D 275 -0.29 -8.48 23.20
N LEU D 276 -1.00 -7.56 23.86
CA LEU D 276 -2.34 -7.88 24.34
C LEU D 276 -3.29 -8.13 23.17
N ASN D 277 -3.22 -7.26 22.16
CA ASN D 277 -4.12 -7.42 21.03
C ASN D 277 -3.81 -8.69 20.25
N LEU D 278 -2.54 -9.06 20.15
CA LEU D 278 -2.18 -10.30 19.46
C LEU D 278 -2.61 -11.51 20.27
N LYS D 279 -2.41 -11.48 21.59
CA LYS D 279 -2.86 -12.56 22.47
C LYS D 279 -4.35 -12.82 22.28
N ASN D 280 -5.16 -11.75 22.29
CA ASN D 280 -6.60 -11.91 22.10
C ASN D 280 -6.94 -12.40 20.69
N MET D 281 -6.22 -11.90 19.69
CA MET D 281 -6.42 -12.38 18.32
C MET D 281 -6.23 -13.89 18.24
N LEU D 282 -5.13 -14.39 18.82
CA LEU D 282 -4.85 -15.82 18.72
C LEU D 282 -5.90 -16.65 19.42
N GLU D 283 -6.45 -16.15 20.53
CA GLU D 283 -7.51 -16.88 21.22
C GLU D 283 -8.76 -17.00 20.36
N GLU D 284 -8.96 -16.07 19.42
CA GLU D 284 -10.18 -16.04 18.64
C GLU D 284 -10.05 -16.68 17.26
N LEU D 285 -8.84 -17.04 16.82
CA LEU D 285 -8.66 -17.56 15.47
C LEU D 285 -8.99 -19.05 15.38
N PRO D 286 -9.36 -19.53 14.19
CA PRO D 286 -9.53 -20.98 13.98
C PRO D 286 -8.27 -21.76 14.29
N LEU D 287 -8.45 -23.03 14.66
CA LEU D 287 -7.38 -24.02 14.79
C LEU D 287 -6.50 -23.80 16.01
N ILE D 288 -6.01 -22.57 16.20
CA ILE D 288 -5.19 -22.24 17.36
C ILE D 288 -6.05 -21.75 18.53
N GLY D 289 -7.21 -21.15 18.25
CA GLY D 289 -8.07 -20.58 19.28
C GLY D 289 -9.18 -21.52 19.75
ZN ZN E . 3.69 -12.23 2.98
ZN ZN F . 3.45 -8.83 3.36
ZN ZN G . 14.08 18.48 -30.92
ZN ZN H . 15.28 15.31 -30.73
ZN ZN I . -28.06 -3.02 -15.68
ZN ZN J . -27.86 -3.91 -12.37
ZN ZN K . 5.57 6.79 37.80
ZN ZN L . 4.61 8.21 34.89
#